data_5U7G
#
_entry.id   5U7G
#
_cell.length_a   214.173
_cell.length_b   87.170
_cell.length_c   114.977
_cell.angle_alpha   90.00
_cell.angle_beta   109.68
_cell.angle_gamma   90.00
#
_symmetry.space_group_name_H-M   'C 1 2 1'
#
loop_
_entity.id
_entity.type
_entity.pdbx_description
1 polymer 'CREB-binding protein'
2 non-polymer 'ZINC ION'
3 water water
#
_entity_poly.entity_id   1
_entity_poly.type   'polypeptide(L)'
_entity_poly.pdbx_seq_one_letter_code
;GAMGSSQPRKKIFKPEELRQALMPTLEALYRQDPESLPFRQPVDPQLLGIPDYFDIVKNPMDLSTIKRKLDTGQYQEPWQ
YVDDVWLMFNNAWLYNRKTSRVYKFCSKLAEVFEQEIDPVMQSLGYCCGRKYEFSPQTLCCYGKQLCTIPRDAAYYSYQN
RYHFCEKCFTEIQGENVTLGDDPSQPQTTISKDQFEKKKNDTLDPEPFVDCKECGRKMHQICVLHYDIIWPSGFVCDNCL
KKTGRPRKENKFSAKRLQTTRLGNHLEDRVNKFLRRQNHPEAGEVFVRVVASSDKTVEVKPGMKSRFVDSGEMSESFPYR
TKALFAFEEIDGVDVCFFGMHVQEYGSDCPPPNTRRVYISYLDSIHFFRPRCLRTAVYHEILIGYLEYVKKLGYVTGHIW
ACPPSEGDDYIFHCHPPDQKIPKPKRLQEWYKKMLDKAFAERIINDYKDIFKQANEDRLTSAKELPYFEGDFWPNVLEES
IKESGGSGSQKLYATMEKHKEVFFVIHLHAGPVISTQPPIVDPDPLLSCDLMDGRDAFLTLARDKHWEFSSLRRSKWSTL
CMLVELHTQGQDRFVYTCNECKHHVETRWHCTVCEDYDLCINCYNTKSHTHKMVKWGLGLD
;
_entity_poly.pdbx_strand_id   A,B
#
# COMPACT_ATOMS: atom_id res chain seq x y z
N GLY A 1 -11.66 -4.89 -32.34
CA GLY A 1 -12.37 -5.91 -33.08
C GLY A 1 -11.60 -6.54 -34.24
N ALA A 2 -10.58 -5.85 -34.75
CA ALA A 2 -9.87 -6.26 -35.96
C ALA A 2 -8.48 -6.80 -35.63
N MET A 3 -8.17 -7.98 -36.18
CA MET A 3 -6.87 -8.61 -35.97
C MET A 3 -6.38 -9.20 -37.28
N GLY A 4 -5.25 -8.71 -37.75
CA GLY A 4 -4.67 -9.19 -38.99
C GLY A 4 -3.55 -10.17 -38.70
N SER A 5 -3.37 -11.11 -39.61
CA SER A 5 -2.34 -12.12 -39.51
C SER A 5 -2.00 -12.59 -40.91
N SER A 6 -0.85 -13.22 -41.05
CA SER A 6 -0.41 -13.80 -42.30
C SER A 6 0.05 -15.22 -42.00
N GLN A 7 -0.26 -16.14 -42.89
CA GLN A 7 0.08 -17.54 -42.65
C GLN A 7 -0.05 -18.27 -43.99
N PRO A 8 1.00 -18.21 -44.83
CA PRO A 8 0.88 -18.70 -46.21
C PRO A 8 0.90 -20.22 -46.36
N ARG A 9 1.84 -20.88 -45.69
CA ARG A 9 1.96 -22.33 -45.77
C ARG A 9 1.07 -23.06 -44.77
N LYS A 10 -0.06 -22.45 -44.39
CA LYS A 10 -0.97 -23.02 -43.40
C LYS A 10 -1.51 -24.37 -43.86
N LYS A 11 -1.71 -25.27 -42.89
CA LYS A 11 -2.41 -26.52 -43.15
C LYS A 11 -3.90 -26.22 -43.11
N ILE A 12 -4.56 -26.47 -44.22
CA ILE A 12 -5.99 -26.24 -44.34
C ILE A 12 -6.58 -27.59 -44.71
N PHE A 13 -7.72 -27.91 -44.11
CA PHE A 13 -8.32 -29.23 -44.23
C PHE A 13 -9.63 -29.13 -45.00
N LYS A 14 -9.77 -29.97 -46.02
CA LYS A 14 -11.03 -30.06 -46.75
C LYS A 14 -11.98 -31.02 -46.02
N PRO A 15 -13.26 -30.68 -45.93
CA PRO A 15 -14.25 -31.55 -45.26
C PRO A 15 -14.06 -33.05 -45.41
N GLU A 16 -13.96 -33.55 -46.65
CA GLU A 16 -13.89 -35.00 -46.85
C GLU A 16 -12.66 -35.59 -46.17
N GLU A 17 -11.55 -34.85 -46.14
CA GLU A 17 -10.35 -35.36 -45.49
C GLU A 17 -10.62 -35.65 -44.02
N LEU A 18 -11.26 -34.71 -43.32
CA LEU A 18 -11.62 -34.89 -41.91
C LEU A 18 -12.47 -36.14 -41.72
N ARG A 19 -13.60 -36.21 -42.43
CA ARG A 19 -14.53 -37.33 -42.29
C ARG A 19 -13.81 -38.66 -42.47
N GLN A 20 -13.04 -38.79 -43.55
CA GLN A 20 -12.35 -40.05 -43.79
C GLN A 20 -11.44 -40.40 -42.61
N ALA A 21 -10.95 -39.39 -41.91
CA ALA A 21 -10.06 -39.56 -40.76
C ALA A 21 -10.79 -39.53 -39.43
N LEU A 22 -11.67 -38.54 -39.24
CA LEU A 22 -12.30 -38.27 -37.95
C LEU A 22 -13.46 -39.20 -37.65
N MET A 23 -14.41 -39.36 -38.56
CA MET A 23 -15.62 -40.09 -38.21
C MET A 23 -15.41 -41.56 -37.83
N PRO A 24 -14.39 -42.29 -38.30
CA PRO A 24 -14.17 -43.62 -37.73
C PRO A 24 -14.02 -43.57 -36.21
N THR A 25 -13.67 -42.41 -35.64
CA THR A 25 -13.64 -42.23 -34.20
C THR A 25 -15.02 -41.91 -33.64
N LEU A 26 -15.79 -41.06 -34.32
CA LEU A 26 -17.15 -40.76 -33.86
C LEU A 26 -18.03 -41.98 -33.90
N GLU A 27 -17.75 -42.91 -34.81
CA GLU A 27 -18.51 -44.16 -34.90
C GLU A 27 -18.12 -45.14 -33.81
N ALA A 28 -16.83 -45.20 -33.46
CA ALA A 28 -16.41 -46.03 -32.34
C ALA A 28 -17.10 -45.64 -31.05
N LEU A 29 -17.61 -44.41 -30.97
CA LEU A 29 -18.45 -44.01 -29.84
C LEU A 29 -19.87 -44.55 -29.99
N TYR A 30 -20.46 -44.41 -31.19
CA TYR A 30 -21.79 -44.95 -31.45
C TYR A 30 -21.85 -46.45 -31.24
N ARG A 31 -20.77 -47.17 -31.58
CA ARG A 31 -20.77 -48.62 -31.38
C ARG A 31 -20.83 -49.03 -29.90
N GLN A 32 -20.70 -48.10 -28.96
CA GLN A 32 -20.74 -48.47 -27.56
C GLN A 32 -22.20 -48.59 -27.13
N ASP A 33 -22.61 -49.81 -26.79
CA ASP A 33 -23.99 -50.13 -26.39
C ASP A 33 -23.96 -50.88 -25.05
N PRO A 34 -24.72 -50.40 -24.06
CA PRO A 34 -25.68 -49.29 -24.16
C PRO A 34 -25.11 -47.89 -23.86
N GLU A 35 -23.79 -47.78 -23.71
CA GLU A 35 -23.21 -46.55 -23.15
C GLU A 35 -23.48 -45.32 -24.01
N SER A 36 -23.52 -45.46 -25.33
CA SER A 36 -23.70 -44.26 -26.15
C SER A 36 -25.14 -43.77 -26.19
N LEU A 37 -26.10 -44.61 -25.77
CA LEU A 37 -27.51 -44.29 -26.00
C LEU A 37 -27.95 -42.96 -25.37
N PRO A 38 -27.58 -42.63 -24.12
CA PRO A 38 -27.98 -41.31 -23.59
C PRO A 38 -27.29 -40.15 -24.29
N PHE A 39 -26.33 -40.44 -25.15
CA PHE A 39 -25.53 -39.44 -25.81
C PHE A 39 -25.87 -39.33 -27.29
N ARG A 40 -26.84 -40.11 -27.78
CA ARG A 40 -27.16 -40.05 -29.20
C ARG A 40 -28.09 -38.90 -29.53
N GLN A 41 -28.70 -38.27 -28.53
CA GLN A 41 -29.60 -37.13 -28.73
C GLN A 41 -29.28 -36.11 -27.65
N PRO A 42 -29.67 -34.86 -27.87
CA PRO A 42 -29.49 -33.85 -26.81
C PRO A 42 -30.28 -34.20 -25.56
N VAL A 43 -29.63 -34.05 -24.40
CA VAL A 43 -30.31 -34.29 -23.13
C VAL A 43 -31.61 -33.48 -23.12
N ASP A 44 -32.72 -34.16 -22.83
CA ASP A 44 -34.03 -33.51 -22.73
C ASP A 44 -34.45 -33.43 -21.26
N PRO A 45 -34.22 -32.30 -20.58
CA PRO A 45 -34.55 -32.23 -19.14
C PRO A 45 -36.03 -32.41 -18.86
N GLN A 46 -36.92 -32.15 -19.82
CA GLN A 46 -38.34 -32.29 -19.56
C GLN A 46 -38.81 -33.73 -19.66
N LEU A 47 -38.12 -34.56 -20.47
CA LEU A 47 -38.38 -35.99 -20.45
C LEU A 47 -37.80 -36.64 -19.19
N LEU A 48 -36.64 -36.17 -18.71
CA LEU A 48 -35.96 -36.83 -17.61
C LEU A 48 -36.36 -36.31 -16.24
N GLY A 49 -37.07 -35.19 -16.15
CA GLY A 49 -37.47 -34.69 -14.86
C GLY A 49 -36.40 -33.89 -14.16
N ILE A 50 -35.54 -33.22 -14.92
CA ILE A 50 -34.43 -32.46 -14.37
C ILE A 50 -34.44 -31.04 -14.92
N PRO A 51 -35.35 -30.17 -14.48
CA PRO A 51 -35.25 -28.75 -14.89
C PRO A 51 -33.90 -28.16 -14.55
N ASP A 52 -33.20 -28.82 -13.62
CA ASP A 52 -31.84 -28.48 -13.21
C ASP A 52 -30.92 -28.26 -14.41
N TYR A 53 -31.08 -29.07 -15.46
CA TYR A 53 -29.97 -29.38 -16.37
C TYR A 53 -29.38 -28.13 -17.02
N PHE A 54 -30.23 -27.28 -17.60
CA PHE A 54 -29.68 -26.15 -18.36
C PHE A 54 -29.12 -25.04 -17.48
N ASP A 55 -29.39 -25.06 -16.17
CA ASP A 55 -28.70 -24.17 -15.26
C ASP A 55 -27.27 -24.64 -14.96
N ILE A 56 -27.02 -25.95 -15.00
CA ILE A 56 -25.68 -26.48 -14.70
C ILE A 56 -24.85 -26.65 -15.96
N VAL A 57 -25.44 -27.21 -17.02
CA VAL A 57 -24.74 -27.39 -18.30
C VAL A 57 -25.11 -26.20 -19.17
N LYS A 58 -24.13 -25.33 -19.42
CA LYS A 58 -24.33 -24.09 -20.17
C LYS A 58 -24.27 -24.29 -21.68
N ASN A 59 -23.52 -25.30 -22.15
CA ASN A 59 -23.40 -25.59 -23.58
C ASN A 59 -23.62 -27.07 -23.80
N PRO A 60 -24.88 -27.48 -24.03
CA PRO A 60 -25.13 -28.89 -24.37
C PRO A 60 -24.40 -29.29 -25.64
N MET A 61 -24.13 -30.60 -25.74
CA MET A 61 -23.49 -31.20 -26.89
C MET A 61 -23.68 -32.70 -26.78
N ASP A 62 -23.70 -33.36 -27.94
CA ASP A 62 -24.00 -34.78 -27.98
C ASP A 62 -23.50 -35.35 -29.30
N LEU A 63 -23.62 -36.68 -29.44
CA LEU A 63 -23.15 -37.34 -30.65
C LEU A 63 -23.87 -36.82 -31.88
N SER A 64 -25.21 -36.76 -31.84
CA SER A 64 -25.98 -36.38 -33.03
C SER A 64 -25.58 -35.00 -33.55
N THR A 65 -25.49 -34.02 -32.64
CA THR A 65 -25.04 -32.68 -33.03
C THR A 65 -23.65 -32.72 -33.64
N ILE A 66 -22.76 -33.53 -33.09
CA ILE A 66 -21.41 -33.67 -33.66
C ILE A 66 -21.46 -34.37 -35.03
N LYS A 67 -22.25 -35.45 -35.15
CA LYS A 67 -22.40 -36.11 -36.44
C LYS A 67 -22.93 -35.15 -37.49
N ARG A 68 -23.83 -34.25 -37.10
CA ARG A 68 -24.31 -33.21 -38.01
C ARG A 68 -23.15 -32.36 -38.50
N LYS A 69 -22.43 -31.71 -37.56
CA LYS A 69 -21.31 -30.84 -37.92
C LYS A 69 -20.28 -31.55 -38.80
N LEU A 70 -20.01 -32.84 -38.54
CA LEU A 70 -19.02 -33.54 -39.36
C LEU A 70 -19.55 -33.79 -40.77
N ASP A 71 -20.88 -33.86 -40.92
CA ASP A 71 -21.54 -33.97 -42.22
C ASP A 71 -21.82 -32.60 -42.85
N THR A 72 -22.14 -31.59 -42.03
CA THR A 72 -22.31 -30.22 -42.52
C THR A 72 -21.02 -29.60 -43.05
N GLY A 73 -19.86 -30.12 -42.64
CA GLY A 73 -18.60 -29.48 -42.96
C GLY A 73 -18.26 -28.31 -42.06
N GLN A 74 -18.98 -28.16 -40.93
CA GLN A 74 -18.83 -27.05 -39.99
C GLN A 74 -17.52 -27.10 -39.20
N TYR A 75 -16.68 -28.12 -39.38
CA TYR A 75 -15.41 -28.27 -38.65
C TYR A 75 -14.29 -27.92 -39.63
N GLN A 76 -13.70 -26.74 -39.48
CA GLN A 76 -12.60 -26.39 -40.36
C GLN A 76 -11.31 -27.12 -39.94
N GLU A 77 -10.91 -27.05 -38.65
CA GLU A 77 -9.73 -27.75 -38.15
C GLU A 77 -10.11 -28.96 -37.28
N PRO A 78 -9.24 -29.96 -37.17
CA PRO A 78 -9.57 -31.15 -36.35
C PRO A 78 -9.76 -30.87 -34.85
N TRP A 79 -9.12 -29.86 -34.26
CA TRP A 79 -9.33 -29.61 -32.84
C TRP A 79 -10.77 -29.22 -32.51
N GLN A 80 -11.54 -28.73 -33.50
CA GLN A 80 -12.89 -28.30 -33.18
C GLN A 80 -13.81 -29.49 -32.97
N TYR A 81 -13.59 -30.56 -33.73
CA TYR A 81 -14.24 -31.84 -33.46
C TYR A 81 -13.86 -32.35 -32.07
N VAL A 82 -12.56 -32.43 -31.79
CA VAL A 82 -12.09 -32.95 -30.51
C VAL A 82 -12.65 -32.13 -29.35
N ASP A 83 -12.61 -30.79 -29.47
CA ASP A 83 -13.19 -29.94 -28.43
C ASP A 83 -14.66 -30.31 -28.16
N ASP A 84 -15.40 -30.70 -29.20
CA ASP A 84 -16.82 -30.98 -29.03
C ASP A 84 -17.08 -32.35 -28.41
N VAL A 85 -16.27 -33.35 -28.72
CA VAL A 85 -16.39 -34.63 -28.02
C VAL A 85 -16.09 -34.45 -26.54
N TRP A 86 -14.99 -33.74 -26.21
CA TRP A 86 -14.66 -33.51 -24.81
C TRP A 86 -15.69 -32.61 -24.13
N LEU A 87 -16.32 -31.71 -24.88
CA LEU A 87 -17.40 -30.93 -24.30
C LEU A 87 -18.54 -31.84 -23.88
N MET A 88 -18.91 -32.79 -24.74
CA MET A 88 -19.92 -33.78 -24.39
C MET A 88 -19.56 -34.50 -23.10
N PHE A 89 -18.34 -35.04 -23.03
CA PHE A 89 -17.94 -35.79 -21.84
C PHE A 89 -17.95 -34.91 -20.60
N ASN A 90 -17.47 -33.67 -20.72
CA ASN A 90 -17.35 -32.81 -19.55
C ASN A 90 -18.72 -32.41 -19.00
N ASN A 91 -19.71 -32.23 -19.89
CA ASN A 91 -21.07 -31.97 -19.44
C ASN A 91 -21.59 -33.13 -18.57
N ALA A 92 -21.54 -34.36 -19.09
CA ALA A 92 -22.05 -35.52 -18.38
C ALA A 92 -21.32 -35.70 -17.06
N TRP A 93 -19.99 -35.73 -17.12
CA TRP A 93 -19.18 -35.85 -15.90
C TRP A 93 -19.55 -34.79 -14.86
N LEU A 94 -19.96 -33.61 -15.31
CA LEU A 94 -20.32 -32.54 -14.40
C LEU A 94 -21.67 -32.81 -13.73
N TYR A 95 -22.72 -32.95 -14.54
CA TYR A 95 -24.09 -32.96 -14.02
C TYR A 95 -24.38 -34.19 -13.17
N ASN A 96 -23.82 -35.33 -13.53
CA ASN A 96 -24.21 -36.58 -12.89
C ASN A 96 -23.24 -36.94 -11.77
N ARG A 97 -23.71 -37.73 -10.82
CA ARG A 97 -22.86 -38.17 -9.73
C ARG A 97 -21.92 -39.27 -10.24
N LYS A 98 -20.72 -39.33 -9.65
CA LYS A 98 -19.74 -40.30 -10.08
C LYS A 98 -20.24 -41.73 -9.97
N THR A 99 -21.36 -41.96 -9.27
CA THR A 99 -21.93 -43.28 -9.07
C THR A 99 -23.00 -43.63 -10.10
N SER A 100 -23.61 -42.64 -10.75
CA SER A 100 -24.75 -42.86 -11.63
C SER A 100 -24.37 -43.72 -12.84
N ARG A 101 -25.39 -44.19 -13.56
CA ARG A 101 -25.14 -44.92 -14.80
C ARG A 101 -24.49 -44.04 -15.84
N VAL A 102 -25.05 -42.86 -16.08
CA VAL A 102 -24.61 -42.02 -17.20
C VAL A 102 -23.15 -41.65 -17.03
N TYR A 103 -22.76 -41.20 -15.82
CA TYR A 103 -21.36 -40.87 -15.58
C TYR A 103 -20.43 -42.02 -15.90
N LYS A 104 -20.80 -43.25 -15.52
CA LYS A 104 -19.94 -44.37 -15.86
C LYS A 104 -20.02 -44.68 -17.35
N PHE A 105 -21.19 -44.48 -17.97
CA PHE A 105 -21.27 -44.53 -19.43
C PHE A 105 -20.25 -43.57 -20.05
N CYS A 106 -20.24 -42.33 -19.58
CA CYS A 106 -19.33 -41.31 -20.09
C CYS A 106 -17.86 -41.74 -20.00
N SER A 107 -17.43 -42.25 -18.84
CA SER A 107 -16.04 -42.66 -18.71
C SER A 107 -15.68 -43.83 -19.62
N LYS A 108 -16.67 -44.59 -20.06
CA LYS A 108 -16.40 -45.63 -21.04
C LYS A 108 -16.27 -45.02 -22.44
N LEU A 109 -17.19 -44.13 -22.81
CA LEU A 109 -17.04 -43.44 -24.07
C LEU A 109 -15.70 -42.72 -24.13
N ALA A 110 -15.34 -42.02 -23.05
CA ALA A 110 -14.10 -41.27 -23.05
C ALA A 110 -12.88 -42.19 -23.16
N GLU A 111 -12.88 -43.31 -22.46
CA GLU A 111 -11.72 -44.20 -22.57
C GLU A 111 -11.58 -44.72 -23.98
N VAL A 112 -12.70 -44.93 -24.69
CA VAL A 112 -12.63 -45.39 -26.07
C VAL A 112 -12.07 -44.29 -26.96
N PHE A 113 -12.60 -43.07 -26.81
CA PHE A 113 -12.15 -41.93 -27.61
C PHE A 113 -10.64 -41.70 -27.45
N GLU A 114 -10.16 -41.75 -26.20
CA GLU A 114 -8.73 -41.55 -25.99
C GLU A 114 -7.92 -42.52 -26.83
N GLN A 115 -8.36 -43.78 -26.92
CA GLN A 115 -7.60 -44.75 -27.70
C GLN A 115 -7.77 -44.53 -29.18
N GLU A 116 -8.93 -44.06 -29.61
CA GLU A 116 -9.10 -43.89 -31.05
C GLU A 116 -8.50 -42.57 -31.51
N ILE A 117 -8.72 -41.47 -30.78
CA ILE A 117 -8.41 -40.17 -31.37
C ILE A 117 -6.91 -39.92 -31.41
N ASP A 118 -6.14 -40.51 -30.49
CA ASP A 118 -4.70 -40.24 -30.47
C ASP A 118 -4.01 -40.66 -31.76
N PRO A 119 -4.03 -41.94 -32.18
CA PRO A 119 -3.35 -42.29 -33.44
C PRO A 119 -3.89 -41.52 -34.63
N VAL A 120 -5.16 -41.14 -34.62
CA VAL A 120 -5.73 -40.43 -35.75
C VAL A 120 -5.18 -39.01 -35.82
N MET A 121 -5.31 -38.26 -34.72
CA MET A 121 -4.75 -36.89 -34.71
C MET A 121 -3.26 -36.88 -35.01
N GLN A 122 -2.55 -37.94 -34.67
CA GLN A 122 -1.13 -37.98 -35.00
C GLN A 122 -0.91 -38.25 -36.47
N SER A 123 -1.82 -39.00 -37.11
CA SER A 123 -1.75 -39.18 -38.55
C SER A 123 -2.10 -37.88 -39.27
N LEU A 124 -2.86 -36.99 -38.63
CA LEU A 124 -3.10 -35.67 -39.18
C LEU A 124 -2.01 -34.67 -38.85
N GLY A 125 -0.94 -35.11 -38.18
CA GLY A 125 0.16 -34.23 -37.82
C GLY A 125 0.00 -33.49 -36.51
N TYR A 126 -0.71 -34.04 -35.55
CA TYR A 126 -0.81 -33.38 -34.26
C TYR A 126 -0.17 -34.29 -33.22
N CYS A 127 -0.12 -33.77 -31.98
CA CYS A 127 0.56 -34.46 -30.89
C CYS A 127 -0.31 -35.56 -30.29
N CYS A 128 -1.60 -35.27 -30.11
CA CYS A 128 -2.55 -36.19 -29.52
C CYS A 128 -3.92 -35.56 -29.70
N GLY A 129 -4.95 -36.26 -29.22
CA GLY A 129 -6.29 -35.71 -29.28
C GLY A 129 -6.93 -35.51 -27.92
N ARG A 130 -6.13 -35.22 -26.88
CA ARG A 130 -6.70 -35.04 -25.54
C ARG A 130 -7.04 -33.59 -25.24
N LYS A 131 -7.91 -33.42 -24.26
CA LYS A 131 -8.08 -32.14 -23.61
C LYS A 131 -7.48 -32.28 -22.22
N TYR A 132 -6.55 -31.40 -21.88
CA TYR A 132 -5.83 -31.45 -20.60
C TYR A 132 -6.12 -30.20 -19.79
N GLU A 133 -6.27 -30.37 -18.50
CA GLU A 133 -6.32 -29.26 -17.57
C GLU A 133 -5.39 -29.58 -16.42
N PHE A 134 -4.83 -28.54 -15.82
CA PHE A 134 -3.91 -28.75 -14.71
C PHE A 134 -4.70 -29.10 -13.45
N SER A 135 -3.99 -29.74 -12.50
CA SER A 135 -4.65 -30.19 -11.29
C SER A 135 -5.23 -28.99 -10.53
N PRO A 136 -6.24 -29.23 -9.67
CA PRO A 136 -6.79 -28.17 -8.82
C PRO A 136 -5.76 -27.58 -7.84
N GLN A 137 -5.61 -26.25 -7.85
CA GLN A 137 -4.70 -25.54 -6.94
N ASN A 200 -11.57 -24.10 -5.48
CA ASN A 200 -12.26 -22.99 -6.12
C ASN A 200 -13.50 -23.46 -6.89
N ASP A 201 -13.28 -23.86 -8.15
CA ASP A 201 -14.30 -24.32 -9.09
C ASP A 201 -13.62 -24.51 -10.45
N THR A 202 -12.63 -23.66 -10.73
CA THR A 202 -12.03 -23.57 -12.04
C THR A 202 -10.74 -24.41 -12.10
N LEU A 203 -10.46 -24.92 -13.29
CA LEU A 203 -9.20 -25.58 -13.60
C LEU A 203 -8.51 -24.79 -14.71
N ASP A 204 -7.13 -24.73 -14.65
CA ASP A 204 -6.46 -23.98 -15.71
C ASP A 204 -6.17 -24.89 -16.89
N PRO A 205 -6.35 -24.41 -18.11
CA PRO A 205 -6.12 -25.28 -19.27
C PRO A 205 -4.65 -25.35 -19.60
N GLU A 206 -4.21 -26.54 -20.03
CA GLU A 206 -2.87 -26.66 -20.54
C GLU A 206 -2.66 -25.63 -21.67
N PRO A 207 -1.42 -25.27 -21.95
CA PRO A 207 -1.17 -24.28 -22.99
C PRO A 207 -0.87 -24.90 -24.35
N PHE A 208 -1.17 -24.13 -25.40
CA PHE A 208 -0.94 -24.58 -26.76
C PHE A 208 0.18 -23.79 -27.43
N VAL A 209 0.81 -24.42 -28.43
CA VAL A 209 1.73 -23.75 -29.35
C VAL A 209 1.24 -24.00 -30.77
N ASP A 210 1.46 -23.03 -31.62
CA ASP A 210 1.23 -23.17 -33.06
C ASP A 210 2.57 -23.26 -33.75
N CYS A 211 2.68 -24.24 -34.64
CA CYS A 211 3.80 -24.29 -35.58
C CYS A 211 3.80 -23.03 -36.44
N LYS A 212 4.93 -22.33 -36.46
CA LYS A 212 5.03 -21.11 -37.27
C LYS A 212 4.86 -21.39 -38.76
N GLU A 213 5.00 -22.65 -39.20
CA GLU A 213 4.77 -23.06 -40.58
C GLU A 213 3.34 -23.58 -40.76
N CYS A 214 3.02 -24.71 -40.11
CA CYS A 214 1.70 -25.34 -40.23
C CYS A 214 0.57 -24.39 -39.89
N GLY A 215 0.66 -23.76 -38.73
CA GLY A 215 -0.52 -23.27 -38.05
C GLY A 215 -1.21 -24.31 -37.20
N ARG A 216 -0.71 -25.55 -37.22
CA ARG A 216 -1.29 -26.63 -36.41
C ARG A 216 -1.15 -26.34 -34.91
N LYS A 217 -2.27 -26.26 -34.20
CA LYS A 217 -2.22 -26.06 -32.77
C LYS A 217 -1.69 -27.33 -32.11
N MET A 218 -0.75 -27.17 -31.17
CA MET A 218 -0.12 -28.27 -30.47
C MET A 218 -0.15 -28.04 -28.95
N HIS A 219 -0.06 -29.14 -28.20
CA HIS A 219 0.15 -29.04 -26.75
C HIS A 219 1.61 -28.68 -26.47
N GLN A 220 1.83 -27.54 -25.81
CA GLN A 220 3.19 -27.16 -25.46
C GLN A 220 3.89 -28.27 -24.67
N ILE A 221 3.18 -28.93 -23.77
CA ILE A 221 3.84 -29.99 -23.01
C ILE A 221 4.12 -31.21 -23.90
N CYS A 222 3.22 -31.50 -24.84
CA CYS A 222 3.41 -32.65 -25.72
C CYS A 222 4.68 -32.49 -26.57
N VAL A 223 4.85 -31.30 -27.18
CA VAL A 223 6.02 -31.03 -28.01
C VAL A 223 7.22 -30.52 -27.23
N LEU A 224 7.07 -30.21 -25.95
CA LEU A 224 8.20 -29.73 -25.15
C LEU A 224 8.91 -28.58 -25.86
N HIS A 225 8.15 -27.52 -26.14
CA HIS A 225 8.68 -26.32 -26.75
C HIS A 225 8.64 -25.16 -25.78
N TYR A 226 9.74 -24.40 -25.78
CA TYR A 226 10.02 -23.28 -24.88
C TYR A 226 10.86 -22.27 -25.64
N ASP A 227 10.44 -21.02 -25.68
CA ASP A 227 11.12 -20.03 -26.51
C ASP A 227 12.50 -19.71 -25.99
N ILE A 228 12.73 -19.83 -24.69
CA ILE A 228 14.05 -19.52 -24.16
C ILE A 228 15.08 -20.44 -24.80
N ILE A 229 14.77 -21.74 -24.90
CA ILE A 229 15.70 -22.70 -25.50
C ILE A 229 15.77 -22.50 -27.02
N TRP A 230 14.62 -22.36 -27.69
CA TRP A 230 14.53 -22.23 -29.15
C TRP A 230 13.85 -20.89 -29.45
N PRO A 231 14.61 -19.79 -29.49
CA PRO A 231 13.99 -18.46 -29.47
C PRO A 231 13.41 -18.04 -30.81
N SER A 232 13.75 -18.74 -31.89
CA SER A 232 13.15 -18.49 -33.19
C SER A 232 11.83 -19.22 -33.35
N GLY A 233 11.29 -19.81 -32.29
CA GLY A 233 9.92 -20.26 -32.28
C GLY A 233 9.77 -21.75 -32.58
N PHE A 234 8.53 -22.20 -32.44
CA PHE A 234 8.20 -23.61 -32.57
C PHE A 234 7.95 -23.98 -34.03
N VAL A 235 8.70 -24.97 -34.52
CA VAL A 235 8.48 -25.57 -35.83
C VAL A 235 8.28 -27.06 -35.60
N CYS A 236 7.07 -27.55 -35.92
CA CYS A 236 6.70 -28.95 -35.80
C CYS A 236 7.71 -29.90 -36.46
N ASP A 237 7.69 -31.17 -36.02
CA ASP A 237 8.70 -32.12 -36.46
C ASP A 237 8.65 -32.38 -37.98
N ASN A 238 7.45 -32.35 -38.59
CA ASN A 238 7.37 -32.59 -40.03
C ASN A 238 7.90 -31.41 -40.84
N CYS A 239 7.46 -30.19 -40.52
CA CYS A 239 8.01 -29.02 -41.19
C CYS A 239 9.54 -28.94 -41.05
N LEU A 240 10.11 -29.51 -39.99
CA LEU A 240 11.56 -29.61 -39.91
C LEU A 240 12.11 -30.67 -40.86
N LYS A 241 11.33 -31.70 -41.19
CA LYS A 241 11.77 -32.64 -42.22
C LYS A 241 11.82 -31.97 -43.59
N LYS A 242 10.93 -31.00 -43.85
CA LYS A 242 10.99 -30.19 -45.06
C LYS A 242 12.10 -29.14 -44.94
N THR A 243 13.16 -29.45 -44.21
CA THR A 243 14.24 -28.53 -43.90
C THR A 243 15.59 -29.22 -43.88
N GLY A 244 15.65 -30.53 -43.69
CA GLY A 244 16.90 -31.26 -43.57
C GLY A 244 17.54 -31.12 -42.22
N ARG A 245 17.64 -29.87 -41.70
CA ARG A 245 18.26 -29.64 -40.41
C ARG A 245 17.29 -30.00 -39.29
N PRO A 246 17.77 -30.66 -38.25
CA PRO A 246 16.92 -31.04 -37.12
C PRO A 246 16.78 -29.86 -36.16
N ARG A 247 16.09 -30.10 -35.05
CA ARG A 247 15.95 -29.05 -34.05
C ARG A 247 17.32 -28.74 -33.46
N LYS A 248 17.51 -27.48 -33.07
CA LYS A 248 18.75 -27.11 -32.42
C LYS A 248 18.86 -27.77 -31.04
N GLU A 249 20.10 -28.02 -30.63
CA GLU A 249 20.36 -28.69 -29.37
C GLU A 249 19.84 -27.83 -28.22
N ASN A 250 19.23 -28.49 -27.24
CA ASN A 250 18.89 -27.85 -25.97
C ASN A 250 20.14 -27.78 -25.11
N LYS A 251 20.72 -26.58 -24.98
CA LYS A 251 21.90 -26.38 -24.15
C LYS A 251 21.59 -26.25 -22.67
N PHE A 252 20.33 -26.13 -22.30
CA PHE A 252 19.96 -25.99 -20.89
C PHE A 252 19.63 -27.35 -20.24
N SER A 253 20.55 -28.28 -20.35
CA SER A 253 20.35 -29.66 -19.92
C SER A 253 20.89 -29.91 -18.51
N ALA A 254 20.56 -31.08 -18.00
CA ALA A 254 21.10 -31.52 -16.72
C ALA A 254 22.59 -31.75 -16.82
N LYS A 255 23.02 -32.44 -17.88
CA LYS A 255 24.44 -32.69 -18.12
C LYS A 255 25.26 -31.40 -17.98
N ARG A 256 24.75 -30.29 -18.50
CA ARG A 256 25.45 -29.03 -18.55
C ARG A 256 25.31 -28.17 -17.29
N LEU A 257 24.59 -28.63 -16.28
CA LEU A 257 24.64 -27.95 -14.99
C LEU A 257 26.03 -28.09 -14.41
N GLN A 258 26.52 -27.03 -13.78
CA GLN A 258 27.85 -27.03 -13.18
C GLN A 258 28.03 -28.25 -12.27
N THR A 259 29.13 -28.99 -12.48
CA THR A 259 29.48 -30.20 -11.72
C THR A 259 30.17 -29.85 -10.41
N THR A 260 30.17 -30.82 -9.50
CA THR A 260 30.81 -30.72 -8.21
C THR A 260 31.38 -32.09 -7.86
N ARG A 261 32.37 -32.13 -6.97
CA ARG A 261 32.85 -33.44 -6.51
C ARG A 261 31.74 -34.24 -5.84
N LEU A 262 30.89 -33.56 -5.04
CA LEU A 262 29.75 -34.23 -4.42
C LEU A 262 28.80 -34.78 -5.47
N GLY A 263 28.36 -33.95 -6.42
CA GLY A 263 27.50 -34.46 -7.47
C GLY A 263 28.15 -35.62 -8.20
N ASN A 264 29.42 -35.47 -8.55
CA ASN A 264 30.07 -36.47 -9.39
C ASN A 264 30.16 -37.80 -8.69
N HIS A 265 30.56 -37.80 -7.40
CA HIS A 265 30.65 -39.03 -6.63
C HIS A 265 29.33 -39.77 -6.62
N LEU A 266 28.21 -39.07 -6.46
CA LEU A 266 26.93 -39.75 -6.42
C LEU A 266 26.56 -40.29 -7.79
N GLU A 267 26.69 -39.47 -8.85
CA GLU A 267 26.35 -39.95 -10.20
C GLU A 267 27.32 -41.03 -10.68
N ASP A 268 28.63 -40.86 -10.41
CA ASP A 268 29.60 -41.91 -10.74
C ASP A 268 29.20 -43.22 -10.11
N ARG A 269 28.56 -43.17 -8.94
CA ARG A 269 28.17 -44.38 -8.24
C ARG A 269 26.88 -44.98 -8.80
N VAL A 270 25.93 -44.13 -9.22
CA VAL A 270 24.68 -44.65 -9.77
C VAL A 270 24.91 -45.26 -11.14
N ASN A 271 25.69 -44.59 -12.00
CA ASN A 271 25.92 -45.07 -13.35
C ASN A 271 26.76 -46.34 -13.36
N LYS A 272 27.77 -46.43 -12.48
CA LYS A 272 28.53 -47.68 -12.33
C LYS A 272 27.61 -48.85 -11.95
N PHE A 273 26.59 -48.57 -11.13
CA PHE A 273 25.61 -49.61 -10.79
C PHE A 273 24.73 -49.94 -12.00
N LEU A 274 24.28 -48.93 -12.73
CA LEU A 274 23.37 -49.19 -13.84
C LEU A 274 24.08 -49.93 -14.98
N ARG A 275 25.38 -49.71 -15.14
CA ARG A 275 26.14 -50.42 -16.17
C ARG A 275 26.20 -51.91 -15.87
N ARG A 276 26.53 -52.26 -14.63
CA ARG A 276 26.51 -53.67 -14.26
C ARG A 276 25.12 -54.28 -14.47
N GLN A 277 24.06 -53.48 -14.33
CA GLN A 277 22.71 -54.00 -14.55
C GLN A 277 22.40 -54.17 -16.04
N ASN A 278 22.90 -53.26 -16.87
CA ASN A 278 22.73 -53.32 -18.32
C ASN A 278 21.27 -53.55 -18.71
N HIS A 279 20.43 -52.78 -18.15
CA HIS A 279 19.02 -52.82 -18.50
C HIS A 279 18.77 -51.92 -19.73
N PRO A 280 17.98 -52.41 -20.68
CA PRO A 280 17.79 -51.67 -21.95
C PRO A 280 16.91 -50.43 -21.81
N GLU A 281 15.98 -50.41 -20.86
CA GLU A 281 15.13 -49.23 -20.68
C GLU A 281 15.88 -48.11 -19.96
N ALA A 282 16.98 -48.41 -19.31
CA ALA A 282 17.63 -47.43 -18.46
C ALA A 282 18.34 -46.37 -19.30
N GLY A 283 18.42 -45.18 -18.75
CA GLY A 283 19.16 -44.09 -19.35
C GLY A 283 20.23 -43.62 -18.39
N GLU A 284 20.99 -42.65 -18.86
CA GLU A 284 22.03 -42.07 -18.04
C GLU A 284 21.40 -41.29 -16.89
N VAL A 285 22.07 -41.30 -15.73
CA VAL A 285 21.69 -40.50 -14.57
C VAL A 285 22.71 -39.38 -14.37
N PHE A 286 22.20 -38.15 -14.25
CA PHE A 286 22.98 -36.96 -13.89
C PHE A 286 22.61 -36.55 -12.46
N VAL A 287 23.61 -36.42 -11.58
CA VAL A 287 23.40 -35.90 -10.23
C VAL A 287 24.13 -34.58 -10.11
N ARG A 288 23.40 -33.54 -9.69
CA ARG A 288 23.92 -32.17 -9.63
C ARG A 288 23.59 -31.52 -8.29
N VAL A 289 24.62 -30.99 -7.62
CA VAL A 289 24.44 -30.02 -6.56
C VAL A 289 24.08 -28.70 -7.22
N VAL A 290 22.89 -28.17 -6.93
CA VAL A 290 22.43 -26.95 -7.60
C VAL A 290 22.38 -25.75 -6.65
N ALA A 291 22.65 -25.93 -5.36
CA ALA A 291 22.66 -24.78 -4.45
C ALA A 291 23.41 -25.15 -3.18
N SER A 292 24.18 -24.21 -2.67
CA SER A 292 24.79 -24.43 -1.38
C SER A 292 25.11 -23.08 -0.76
N SER A 293 25.01 -23.01 0.55
CA SER A 293 25.29 -21.75 1.23
C SER A 293 25.53 -22.02 2.71
N ASP A 294 26.10 -21.03 3.37
CA ASP A 294 26.43 -21.11 4.79
C ASP A 294 25.37 -20.39 5.59
N LYS A 295 24.78 -21.11 6.54
CA LYS A 295 23.63 -20.63 7.31
C LYS A 295 23.89 -20.86 8.79
N THR A 296 22.96 -20.36 9.63
CA THR A 296 22.97 -20.70 11.06
C THR A 296 21.57 -21.01 11.55
N VAL A 297 21.48 -21.92 12.51
CA VAL A 297 20.22 -22.23 13.15
C VAL A 297 20.26 -21.64 14.56
N GLU A 298 19.31 -20.75 14.87
CA GLU A 298 19.24 -20.11 16.18
C GLU A 298 18.52 -21.00 17.19
N VAL A 299 19.14 -21.21 18.36
CA VAL A 299 18.48 -21.93 19.44
C VAL A 299 17.23 -21.17 19.84
N LYS A 300 16.12 -21.88 19.98
CA LYS A 300 14.83 -21.27 20.27
C LYS A 300 14.72 -20.76 21.73
N PRO A 301 13.75 -19.87 22.01
CA PRO A 301 13.73 -19.18 23.33
C PRO A 301 13.70 -20.09 24.58
N GLY A 302 12.95 -21.18 24.58
CA GLY A 302 12.98 -22.04 25.75
C GLY A 302 14.37 -22.60 26.02
N MET A 303 14.91 -23.30 25.01
CA MET A 303 16.23 -23.89 25.17
C MET A 303 17.27 -22.81 25.36
N LYS A 304 17.02 -21.60 24.85
CA LYS A 304 17.94 -20.49 25.02
C LYS A 304 18.11 -20.12 26.51
N SER A 305 16.99 -19.79 27.18
CA SER A 305 17.12 -19.40 28.58
C SER A 305 17.55 -20.58 29.43
N ARG A 306 17.30 -21.80 28.98
CA ARG A 306 17.63 -23.01 29.74
C ARG A 306 19.09 -23.45 29.57
N PHE A 307 19.77 -23.09 28.46
CA PHE A 307 21.14 -23.53 28.15
C PHE A 307 22.04 -22.45 27.55
N VAL A 308 21.51 -21.41 26.93
CA VAL A 308 22.40 -20.47 26.25
C VAL A 308 22.90 -19.43 27.21
N ASP A 309 22.04 -18.96 28.12
CA ASP A 309 22.45 -17.90 29.05
C ASP A 309 23.57 -18.35 29.96
N SER A 310 23.51 -19.60 30.42
CA SER A 310 24.61 -20.18 31.19
C SER A 310 25.87 -20.41 30.34
N GLY A 311 25.74 -20.39 29.01
CA GLY A 311 26.89 -20.73 28.19
C GLY A 311 27.11 -22.22 28.03
N GLU A 312 26.11 -23.03 28.34
CA GLU A 312 26.23 -24.45 28.07
C GLU A 312 25.95 -24.80 26.61
N MET A 313 25.10 -24.04 25.90
CA MET A 313 24.95 -24.16 24.47
C MET A 313 25.26 -22.85 23.76
N SER A 314 25.82 -22.96 22.56
CA SER A 314 25.98 -21.78 21.73
C SER A 314 24.61 -21.22 21.31
N GLU A 315 24.58 -19.90 21.11
CA GLU A 315 23.34 -19.24 20.72
C GLU A 315 22.85 -19.67 19.33
N SER A 316 23.77 -20.02 18.42
CA SER A 316 23.38 -20.50 17.10
C SER A 316 24.46 -21.42 16.55
N PHE A 317 24.07 -22.30 15.63
CA PHE A 317 25.04 -23.26 15.12
C PHE A 317 25.26 -23.11 13.63
N PRO A 318 26.51 -22.97 13.17
CA PRO A 318 26.75 -22.81 11.72
C PRO A 318 26.56 -24.12 10.98
N TYR A 319 26.01 -24.05 9.77
CA TYR A 319 26.02 -25.24 8.92
C TYR A 319 26.03 -24.82 7.45
N ARG A 320 26.38 -25.78 6.61
CA ARG A 320 26.29 -25.57 5.18
C ARG A 320 25.10 -26.37 4.68
N THR A 321 24.20 -25.72 3.94
CA THR A 321 23.10 -26.46 3.34
C THR A 321 23.34 -26.68 1.84
N LYS A 322 22.86 -27.82 1.34
CA LYS A 322 23.00 -28.16 -0.07
C LYS A 322 21.69 -28.71 -0.59
N ALA A 323 21.38 -28.34 -1.83
CA ALA A 323 20.25 -28.90 -2.56
C ALA A 323 20.81 -29.67 -3.73
N LEU A 324 20.41 -30.92 -3.87
CA LEU A 324 20.87 -31.68 -5.00
C LEU A 324 19.72 -32.47 -5.58
N PHE A 325 19.79 -32.69 -6.92
CA PHE A 325 18.82 -33.38 -7.75
C PHE A 325 19.51 -34.40 -8.67
N ALA A 326 18.77 -35.47 -8.97
CA ALA A 326 19.22 -36.46 -9.95
C ALA A 326 18.25 -36.40 -11.13
N PHE A 327 18.77 -36.54 -12.34
CA PHE A 327 17.90 -36.56 -13.51
C PHE A 327 18.22 -37.82 -14.30
N GLU A 328 17.19 -38.37 -14.95
CA GLU A 328 17.39 -39.51 -15.84
C GLU A 328 17.00 -39.15 -17.27
N GLU A 329 17.80 -39.66 -18.23
CA GLU A 329 17.41 -39.67 -19.66
C GLU A 329 16.30 -40.69 -19.83
N ILE A 330 15.12 -40.23 -20.25
CA ILE A 330 13.94 -41.05 -20.52
C ILE A 330 13.35 -40.52 -21.82
N ASP A 331 13.16 -41.41 -22.82
CA ASP A 331 12.73 -41.01 -24.16
C ASP A 331 13.60 -39.85 -24.67
N GLY A 332 14.88 -39.90 -24.37
CA GLY A 332 15.74 -38.89 -24.93
C GLY A 332 15.60 -37.49 -24.37
N VAL A 333 14.89 -37.30 -23.26
CA VAL A 333 14.86 -35.99 -22.59
C VAL A 333 15.16 -36.15 -21.10
N ASP A 334 15.57 -35.04 -20.49
CA ASP A 334 15.89 -35.01 -19.06
C ASP A 334 14.61 -35.13 -18.22
N VAL A 335 14.60 -36.04 -17.24
CA VAL A 335 13.49 -36.13 -16.28
C VAL A 335 14.06 -36.16 -14.88
N CYS A 336 13.64 -35.21 -14.07
CA CYS A 336 14.03 -35.13 -12.66
C CYS A 336 13.21 -36.12 -11.85
N PHE A 337 13.88 -37.04 -11.17
CA PHE A 337 13.17 -38.04 -10.39
C PHE A 337 13.51 -38.05 -8.90
N PHE A 338 14.45 -37.23 -8.42
CA PHE A 338 14.93 -37.32 -7.04
C PHE A 338 15.59 -36.02 -6.61
N GLY A 339 15.34 -35.62 -5.36
CA GLY A 339 15.78 -34.34 -4.82
C GLY A 339 15.96 -34.41 -3.31
N MET A 340 16.86 -33.56 -2.82
CA MET A 340 17.26 -33.65 -1.42
C MET A 340 17.98 -32.40 -0.94
N HIS A 341 17.58 -31.92 0.24
CA HIS A 341 18.28 -30.86 0.96
C HIS A 341 18.95 -31.49 2.16
N VAL A 342 20.17 -31.01 2.49
CA VAL A 342 20.95 -31.55 3.60
C VAL A 342 21.56 -30.39 4.36
N GLN A 343 21.91 -30.65 5.61
CA GLN A 343 22.58 -29.68 6.46
C GLN A 343 23.84 -30.35 6.98
N GLU A 344 24.97 -29.64 6.92
CA GLU A 344 26.27 -30.20 7.24
C GLU A 344 26.97 -29.30 8.26
N TYR A 345 27.22 -29.85 9.45
CA TYR A 345 27.80 -29.15 10.58
C TYR A 345 29.23 -29.61 10.70
N GLY A 346 30.17 -28.69 10.45
CA GLY A 346 31.56 -29.01 10.27
C GLY A 346 32.32 -29.33 11.54
N SER A 347 33.65 -29.21 11.43
CA SER A 347 34.53 -29.54 12.53
C SER A 347 34.74 -28.37 13.50
N ASP A 348 34.37 -27.15 13.14
CA ASP A 348 34.31 -26.00 14.05
C ASP A 348 32.93 -25.77 14.64
N CYS A 349 31.98 -26.62 14.36
CA CYS A 349 30.69 -26.39 14.98
C CYS A 349 30.74 -26.92 16.42
N PRO A 350 30.25 -26.15 17.40
CA PRO A 350 30.27 -26.59 18.81
C PRO A 350 29.35 -27.78 19.05
N PRO A 351 29.55 -28.53 20.15
CA PRO A 351 28.54 -29.51 20.58
C PRO A 351 27.15 -28.87 20.73
N PRO A 352 26.11 -29.69 20.53
CA PRO A 352 26.19 -31.12 20.16
C PRO A 352 26.23 -31.43 18.60
N ASN A 353 26.51 -30.45 17.74
CA ASN A 353 26.36 -30.67 16.31
C ASN A 353 27.68 -30.97 15.58
N THR A 354 28.79 -31.11 16.28
CA THR A 354 30.08 -31.29 15.63
C THR A 354 30.10 -32.47 14.66
N ARG A 355 30.53 -32.20 13.42
CA ARG A 355 30.76 -33.23 12.39
C ARG A 355 29.53 -34.10 12.13
N ARG A 356 28.38 -33.46 11.97
CA ARG A 356 27.11 -34.14 11.77
C ARG A 356 26.49 -33.65 10.47
N VAL A 357 25.88 -34.58 9.73
CA VAL A 357 25.06 -34.24 8.56
C VAL A 357 23.64 -34.70 8.84
N TYR A 358 22.68 -33.92 8.34
CA TYR A 358 21.27 -34.20 8.53
C TYR A 358 20.51 -34.04 7.22
N ILE A 359 19.68 -35.01 6.86
CA ILE A 359 18.88 -34.93 5.64
C ILE A 359 17.56 -34.25 5.95
N SER A 360 17.46 -32.94 5.66
CA SER A 360 16.24 -32.19 5.96
C SER A 360 15.03 -32.72 5.20
N TYR A 361 15.11 -32.81 3.88
CA TYR A 361 13.95 -33.14 3.07
C TYR A 361 14.41 -34.00 1.92
N LEU A 362 13.63 -35.02 1.62
CA LEU A 362 13.97 -35.97 0.58
C LEU A 362 12.67 -36.25 -0.18
N ASP A 363 12.72 -36.10 -1.51
CA ASP A 363 11.52 -36.25 -2.33
C ASP A 363 11.85 -37.00 -3.64
N SER A 364 10.81 -37.55 -4.25
CA SER A 364 11.04 -38.41 -5.40
C SER A 364 9.75 -38.53 -6.20
N ILE A 365 9.92 -38.80 -7.50
CA ILE A 365 8.83 -38.96 -8.46
C ILE A 365 9.04 -40.26 -9.22
N HIS A 366 8.02 -41.11 -9.27
CA HIS A 366 8.33 -42.53 -9.44
C HIS A 366 8.54 -42.95 -10.90
N PHE A 367 8.81 -42.01 -11.82
CA PHE A 367 8.90 -42.32 -13.25
C PHE A 367 10.26 -42.81 -13.71
N PHE A 368 11.16 -43.14 -12.79
CA PHE A 368 12.46 -43.67 -13.17
C PHE A 368 12.29 -44.96 -13.96
N ARG A 369 13.12 -45.14 -14.99
CA ARG A 369 13.11 -46.34 -15.84
C ARG A 369 14.38 -47.18 -15.79
N PRO A 370 14.24 -48.47 -15.52
CA PRO A 370 13.00 -49.20 -15.24
C PRO A 370 12.61 -49.16 -13.76
N ARG A 371 11.32 -49.37 -13.47
CA ARG A 371 10.81 -49.45 -12.10
C ARG A 371 11.62 -50.41 -11.26
N CYS A 372 11.97 -51.57 -11.81
CA CYS A 372 12.61 -52.60 -10.98
C CYS A 372 13.98 -52.19 -10.48
N LEU A 373 14.50 -51.03 -10.91
CA LEU A 373 15.78 -50.49 -10.45
C LEU A 373 15.62 -49.20 -9.63
N ARG A 374 14.39 -48.75 -9.40
CA ARG A 374 14.15 -47.45 -8.79
C ARG A 374 14.75 -47.38 -7.39
N THR A 375 14.35 -48.31 -6.53
CA THR A 375 14.82 -48.27 -5.15
C THR A 375 16.32 -48.42 -5.09
N ALA A 376 16.89 -49.33 -5.88
CA ALA A 376 18.34 -49.53 -5.81
C ALA A 376 19.09 -48.26 -6.14
N VAL A 377 18.55 -47.46 -7.07
CA VAL A 377 19.19 -46.21 -7.44
C VAL A 377 19.00 -45.14 -6.36
N TYR A 378 17.82 -45.05 -5.75
CA TYR A 378 17.71 -44.14 -4.59
C TYR A 378 18.73 -44.52 -3.51
N HIS A 379 18.82 -45.81 -3.20
CA HIS A 379 19.80 -46.24 -2.21
C HIS A 379 21.21 -45.85 -2.63
N GLU A 380 21.55 -46.03 -3.92
CA GLU A 380 22.89 -45.71 -4.37
C GLU A 380 23.22 -44.24 -4.13
N ILE A 381 22.27 -43.35 -4.39
CA ILE A 381 22.49 -41.93 -4.11
C ILE A 381 22.70 -41.70 -2.61
N LEU A 382 21.80 -42.24 -1.78
CA LEU A 382 21.90 -42.06 -0.32
C LEU A 382 23.18 -42.71 0.23
N ILE A 383 23.42 -43.98 -0.10
CA ILE A 383 24.68 -44.60 0.32
C ILE A 383 25.87 -43.79 -0.17
N GLY A 384 25.78 -43.21 -1.38
CA GLY A 384 26.88 -42.42 -1.87
C GLY A 384 27.08 -41.14 -1.07
N TYR A 385 25.98 -40.53 -0.63
CA TYR A 385 26.09 -39.33 0.20
C TYR A 385 26.80 -39.64 1.52
N LEU A 386 26.43 -40.73 2.18
CA LEU A 386 27.09 -41.08 3.43
C LEU A 386 28.57 -41.37 3.22
N GLU A 387 28.88 -42.16 2.19
CA GLU A 387 30.27 -42.45 1.88
C GLU A 387 31.04 -41.18 1.60
N TYR A 388 30.43 -40.24 0.91
CA TYR A 388 31.16 -39.03 0.54
C TYR A 388 31.53 -38.21 1.78
N VAL A 389 30.56 -37.93 2.66
CA VAL A 389 30.81 -37.10 3.82
C VAL A 389 31.60 -37.86 4.87
N LYS A 390 31.47 -39.19 4.92
CA LYS A 390 32.40 -39.97 5.71
C LYS A 390 33.84 -39.69 5.29
N LYS A 391 34.11 -39.66 3.98
CA LYS A 391 35.49 -39.45 3.53
C LYS A 391 35.99 -38.06 3.88
N LEU A 392 35.13 -37.04 3.82
CA LEU A 392 35.57 -35.68 4.13
C LEU A 392 35.78 -35.47 5.62
N GLY A 393 35.24 -36.35 6.47
CA GLY A 393 35.48 -36.26 7.90
C GLY A 393 34.26 -36.17 8.80
N TYR A 394 33.06 -36.29 8.27
CA TYR A 394 31.92 -36.28 9.14
C TYR A 394 31.85 -37.58 9.92
N VAL A 395 31.19 -37.54 11.09
CA VAL A 395 31.20 -38.68 12.00
C VAL A 395 29.83 -39.33 12.09
N THR A 396 28.77 -38.55 12.08
CA THR A 396 27.42 -39.07 12.29
C THR A 396 26.48 -38.51 11.23
N GLY A 397 25.52 -39.32 10.81
CA GLY A 397 24.46 -38.88 9.95
C GLY A 397 23.12 -39.14 10.61
N HIS A 398 22.12 -38.36 10.21
CA HIS A 398 20.80 -38.42 10.83
C HIS A 398 19.72 -38.36 9.76
N ILE A 399 18.75 -39.27 9.86
CA ILE A 399 17.63 -39.27 8.94
C ILE A 399 16.34 -39.20 9.77
N TRP A 400 15.42 -38.32 9.36
CA TRP A 400 14.09 -38.22 9.94
C TRP A 400 13.15 -38.85 8.91
N ALA A 401 12.79 -40.10 9.14
CA ALA A 401 12.02 -40.88 8.16
C ALA A 401 10.54 -40.71 8.44
N CYS A 402 9.94 -39.72 7.78
CA CYS A 402 8.53 -39.38 8.02
C CYS A 402 7.78 -39.33 6.69
N PRO A 403 6.71 -40.12 6.51
CA PRO A 403 5.99 -40.11 5.22
C PRO A 403 5.08 -38.89 5.13
N PRO A 404 4.93 -38.32 3.92
CA PRO A 404 4.30 -37.00 3.83
C PRO A 404 2.83 -37.03 4.22
N SER A 405 2.36 -35.90 4.77
CA SER A 405 0.95 -35.75 5.11
C SER A 405 0.22 -35.37 3.83
N GLU A 406 -0.46 -36.37 3.24
CA GLU A 406 -1.22 -36.32 1.97
C GLU A 406 -1.50 -34.91 1.47
N GLY A 407 -0.91 -34.56 0.32
CA GLY A 407 -1.04 -33.23 -0.23
C GLY A 407 0.09 -32.29 0.11
N ASP A 408 0.91 -32.61 1.11
CA ASP A 408 2.14 -31.88 1.36
C ASP A 408 3.19 -32.41 0.38
N ASP A 409 3.60 -31.55 -0.55
CA ASP A 409 4.71 -31.87 -1.43
C ASP A 409 6.00 -31.46 -0.73
N TYR A 410 6.93 -32.40 -0.56
CA TYR A 410 8.20 -32.02 0.04
C TYR A 410 8.99 -31.05 -0.84
N ILE A 411 9.35 -31.48 -2.07
CA ILE A 411 10.22 -30.71 -2.95
C ILE A 411 9.53 -30.43 -4.29
N PHE A 412 8.91 -31.45 -4.88
CA PHE A 412 8.29 -31.34 -6.20
C PHE A 412 6.81 -31.03 -6.08
N HIS A 413 6.36 -30.03 -6.83
CA HIS A 413 4.95 -29.67 -6.84
C HIS A 413 4.07 -30.70 -7.55
N CYS A 414 3.05 -31.21 -6.84
CA CYS A 414 1.97 -32.00 -7.42
C CYS A 414 2.40 -33.40 -7.89
N HIS A 415 2.41 -34.37 -6.97
CA HIS A 415 2.88 -35.72 -7.24
C HIS A 415 1.84 -36.51 -8.06
N PRO A 416 2.25 -37.61 -8.69
CA PRO A 416 1.30 -38.45 -9.43
C PRO A 416 0.21 -38.97 -8.51
N PRO A 417 -1.06 -38.93 -8.95
CA PRO A 417 -2.15 -39.46 -8.12
C PRO A 417 -1.95 -40.88 -7.66
N ASP A 418 -1.24 -41.72 -8.42
CA ASP A 418 -1.06 -43.10 -8.03
C ASP A 418 0.36 -43.41 -7.54
N GLN A 419 1.10 -42.39 -7.12
CA GLN A 419 2.40 -42.65 -6.48
C GLN A 419 2.11 -43.02 -5.04
N LYS A 420 2.59 -44.20 -4.63
CA LYS A 420 2.21 -44.72 -3.33
C LYS A 420 2.81 -43.89 -2.21
N ILE A 421 1.98 -43.46 -1.28
CA ILE A 421 2.42 -42.92 0.00
C ILE A 421 2.59 -44.10 0.96
N PRO A 422 3.81 -44.42 1.38
CA PRO A 422 4.01 -45.64 2.16
C PRO A 422 3.53 -45.53 3.60
N LYS A 423 3.07 -46.67 4.14
CA LYS A 423 2.89 -46.82 5.57
C LYS A 423 4.22 -46.55 6.27
N PRO A 424 4.20 -45.97 7.47
CA PRO A 424 5.46 -45.67 8.14
C PRO A 424 6.32 -46.89 8.37
N LYS A 425 5.74 -48.07 8.66
CA LYS A 425 6.57 -49.27 8.80
C LYS A 425 7.30 -49.60 7.49
N ARG A 426 6.60 -49.48 6.35
CA ARG A 426 7.27 -49.71 5.07
C ARG A 426 8.36 -48.68 4.83
N LEU A 427 8.06 -47.39 5.08
CA LEU A 427 9.07 -46.36 4.89
C LEU A 427 10.31 -46.60 5.74
N GLN A 428 10.14 -47.07 6.98
CA GLN A 428 11.31 -47.28 7.82
C GLN A 428 12.07 -48.52 7.40
N GLU A 429 11.36 -49.60 7.04
CA GLU A 429 12.02 -50.75 6.46
C GLU A 429 12.85 -50.34 5.25
N TRP A 430 12.31 -49.42 4.43
CA TRP A 430 12.99 -48.94 3.25
C TRP A 430 14.35 -48.39 3.60
N TYR A 431 14.41 -47.44 4.55
CA TYR A 431 15.69 -46.91 5.01
C TYR A 431 16.55 -48.00 5.64
N LYS A 432 15.94 -48.93 6.39
CA LYS A 432 16.72 -50.02 6.97
C LYS A 432 17.45 -50.80 5.89
N LYS A 433 16.75 -51.12 4.81
CA LYS A 433 17.39 -51.87 3.73
C LYS A 433 18.54 -51.07 3.13
N MET A 434 18.35 -49.74 2.97
CA MET A 434 19.44 -48.92 2.44
C MET A 434 20.62 -48.94 3.41
N LEU A 435 20.35 -48.73 4.70
CA LEU A 435 21.44 -48.72 5.68
C LEU A 435 22.08 -50.10 5.81
N ASP A 436 21.26 -51.16 5.81
CA ASP A 436 21.83 -52.51 5.80
C ASP A 436 22.76 -52.69 4.61
N LYS A 437 22.35 -52.19 3.44
CA LYS A 437 23.21 -52.22 2.27
C LYS A 437 24.51 -51.46 2.53
N ALA A 438 24.43 -50.33 3.22
CA ALA A 438 25.63 -49.54 3.47
C ALA A 438 26.54 -50.24 4.46
N PHE A 439 25.95 -50.81 5.52
CA PHE A 439 26.73 -51.60 6.48
C PHE A 439 27.48 -52.70 5.76
N ALA A 440 26.80 -53.43 4.87
CA ALA A 440 27.41 -54.53 4.14
C ALA A 440 28.66 -54.09 3.38
N GLU A 441 28.62 -52.92 2.74
CA GLU A 441 29.79 -52.46 1.99
C GLU A 441 30.82 -51.79 2.87
N ARG A 442 30.69 -51.87 4.19
CA ARG A 442 31.64 -51.24 5.11
C ARG A 442 31.73 -49.73 4.90
N ILE A 443 30.61 -49.10 4.54
CA ILE A 443 30.54 -47.65 4.49
C ILE A 443 30.05 -47.07 5.81
N ILE A 444 29.06 -47.73 6.38
CA ILE A 444 28.51 -47.45 7.70
C ILE A 444 29.23 -48.29 8.74
N ASN A 445 29.53 -47.69 9.89
CA ASN A 445 30.06 -48.48 11.00
C ASN A 445 28.94 -49.21 11.74
N ASP A 446 27.78 -48.58 11.86
CA ASP A 446 26.63 -49.09 12.62
C ASP A 446 25.50 -48.08 12.44
N TYR A 447 24.29 -48.46 12.84
CA TYR A 447 23.17 -47.53 12.90
C TYR A 447 22.14 -48.00 13.93
N LYS A 448 21.56 -47.06 14.68
CA LYS A 448 20.51 -47.35 15.68
C LYS A 448 19.45 -46.27 15.63
N ASP A 449 18.30 -46.53 16.28
CA ASP A 449 17.31 -45.48 16.44
C ASP A 449 17.74 -44.52 17.53
N ILE A 450 17.06 -43.38 17.62
CA ILE A 450 17.52 -42.30 18.49
C ILE A 450 17.47 -42.74 19.95
N PHE A 451 16.44 -43.53 20.29
CA PHE A 451 16.21 -43.94 21.67
C PHE A 451 17.26 -44.94 22.12
N LYS A 452 17.42 -46.03 21.37
CA LYS A 452 18.47 -46.99 21.65
C LYS A 452 19.85 -46.33 21.64
N GLN A 453 20.05 -45.32 20.79
CA GLN A 453 21.35 -44.64 20.73
C GLN A 453 21.52 -43.71 21.92
N ALA A 454 20.48 -42.97 22.30
CA ALA A 454 20.60 -42.08 23.46
C ALA A 454 20.93 -42.87 24.71
N ASN A 455 20.25 -43.99 24.95
CA ASN A 455 20.52 -44.84 26.10
C ASN A 455 21.94 -45.41 26.07
N GLU A 456 22.40 -45.78 24.88
CA GLU A 456 23.74 -46.36 24.77
C GLU A 456 24.82 -45.33 25.02
N ASP A 457 24.54 -44.05 24.78
CA ASP A 457 25.48 -42.97 25.08
C ASP A 457 25.28 -42.37 26.47
N ARG A 458 24.28 -42.86 27.21
CA ARG A 458 23.96 -42.34 28.54
C ARG A 458 23.72 -40.83 28.48
N LEU A 459 22.86 -40.44 27.56
CA LEU A 459 22.46 -39.04 27.52
C LEU A 459 21.51 -38.77 28.69
N THR A 460 21.73 -37.64 29.36
CA THR A 460 20.85 -37.19 30.41
C THR A 460 20.35 -35.77 30.24
N SER A 461 20.96 -34.98 29.36
CA SER A 461 20.55 -33.60 29.16
C SER A 461 20.04 -33.36 27.74
N ALA A 462 19.06 -32.45 27.63
CA ALA A 462 18.52 -32.09 26.33
C ALA A 462 19.57 -31.41 25.46
N LYS A 463 20.57 -30.76 26.07
CA LYS A 463 21.58 -30.11 25.25
C LYS A 463 22.45 -31.11 24.51
N GLU A 464 22.35 -32.41 24.81
CA GLU A 464 23.12 -33.40 24.08
C GLU A 464 22.40 -33.92 22.84
N LEU A 465 21.14 -33.52 22.61
CA LEU A 465 20.46 -33.90 21.39
C LEU A 465 20.89 -32.98 20.25
N PRO A 466 21.41 -33.51 19.14
CA PRO A 466 21.68 -32.67 17.95
C PRO A 466 20.51 -31.73 17.68
N TYR A 467 20.84 -30.50 17.28
CA TYR A 467 19.86 -29.42 17.16
C TYR A 467 19.92 -28.84 15.73
N PHE A 468 19.03 -29.31 14.88
CA PHE A 468 19.07 -29.06 13.44
C PHE A 468 17.93 -28.13 13.05
N GLU A 469 18.18 -27.28 12.05
CA GLU A 469 17.15 -26.35 11.58
C GLU A 469 15.92 -27.12 11.10
N GLY A 470 14.75 -26.65 11.48
CA GLY A 470 13.51 -27.25 11.01
C GLY A 470 13.24 -28.65 11.47
N ASP A 471 14.04 -29.20 12.37
CA ASP A 471 13.86 -30.58 12.83
C ASP A 471 12.76 -30.70 13.91
N PHE A 472 12.29 -31.94 14.06
CA PHE A 472 11.27 -32.29 15.04
C PHE A 472 11.70 -31.91 16.45
N TRP A 473 12.92 -32.27 16.84
CA TRP A 473 13.28 -32.22 18.24
C TRP A 473 13.37 -30.80 18.77
N PRO A 474 13.89 -29.82 18.03
CA PRO A 474 13.87 -28.48 18.60
C PRO A 474 12.48 -28.02 19.01
N ASN A 475 11.44 -28.44 18.30
CA ASN A 475 10.10 -28.00 18.66
C ASN A 475 9.51 -28.83 19.80
N VAL A 476 9.87 -30.11 19.87
CA VAL A 476 9.53 -30.90 21.05
C VAL A 476 10.15 -30.30 22.31
N LEU A 477 11.42 -29.87 22.23
CA LEU A 477 12.07 -29.29 23.40
C LEU A 477 11.41 -27.97 23.80
N GLU A 478 10.96 -27.18 22.84
CA GLU A 478 10.25 -25.96 23.24
C GLU A 478 8.94 -26.30 23.95
N GLU A 479 8.22 -27.33 23.47
CA GLU A 479 6.96 -27.72 24.09
C GLU A 479 7.18 -28.25 25.49
N SER A 480 8.19 -29.10 25.67
CA SER A 480 8.55 -29.61 26.99
C SER A 480 8.80 -28.47 27.97
N ILE A 481 9.58 -27.48 27.57
CA ILE A 481 9.91 -26.39 28.46
C ILE A 481 8.66 -25.54 28.75
N LYS A 482 7.77 -25.36 27.76
CA LYS A 482 6.59 -24.54 27.95
C LYS A 482 5.54 -25.24 28.82
N GLU A 483 5.48 -26.57 28.77
CA GLU A 483 4.53 -27.36 29.53
C GLU A 483 5.14 -27.95 30.79
N SER A 484 6.27 -27.42 31.25
CA SER A 484 6.88 -27.90 32.48
C SER A 484 6.27 -27.23 33.72
N GLY A 485 5.76 -26.02 33.56
CA GLY A 485 5.22 -25.24 34.66
C GLY A 485 5.63 -23.78 34.58
N LYS A 491 9.92 -37.05 30.91
CA LYS A 491 9.17 -37.69 29.84
C LYS A 491 9.82 -37.50 28.44
N LEU A 492 10.95 -36.80 28.32
CA LEU A 492 11.61 -36.67 27.00
C LEU A 492 12.08 -38.03 26.50
N TYR A 493 12.58 -38.88 27.40
CA TYR A 493 12.94 -40.24 27.00
C TYR A 493 11.70 -41.01 26.53
N ALA A 494 10.52 -40.63 27.01
CA ALA A 494 9.29 -41.27 26.54
C ALA A 494 8.93 -40.85 25.11
N THR A 495 9.10 -39.55 24.80
CA THR A 495 8.87 -39.06 23.45
C THR A 495 9.86 -39.66 22.45
N MET A 496 11.11 -39.87 22.88
CA MET A 496 12.10 -40.50 22.01
C MET A 496 11.74 -41.95 21.72
N GLU A 497 11.36 -42.72 22.74
CA GLU A 497 10.92 -44.09 22.47
C GLU A 497 9.64 -44.09 21.66
N LYS A 498 8.77 -43.11 21.89
CA LYS A 498 7.52 -43.09 21.14
C LYS A 498 7.79 -42.97 19.64
N HIS A 499 8.73 -42.12 19.23
CA HIS A 499 9.11 -41.95 17.84
C HIS A 499 10.44 -42.61 17.50
N LYS A 500 10.83 -43.60 18.30
CA LYS A 500 12.00 -44.42 18.07
C LYS A 500 12.17 -44.76 16.59
N GLU A 501 11.09 -45.21 15.95
CA GLU A 501 11.19 -45.81 14.62
C GLU A 501 11.51 -44.79 13.54
N VAL A 502 11.23 -43.50 13.80
CA VAL A 502 11.30 -42.45 12.78
C VAL A 502 12.69 -41.82 12.68
N PHE A 503 13.55 -41.96 13.69
CA PHE A 503 14.80 -41.23 13.75
C PHE A 503 15.99 -42.17 13.74
N PHE A 504 16.82 -42.07 12.71
CA PHE A 504 17.95 -42.95 12.53
C PHE A 504 19.22 -42.20 12.88
N VAL A 505 20.14 -42.90 13.53
CA VAL A 505 21.46 -42.37 13.87
C VAL A 505 22.50 -43.28 13.21
N ILE A 506 23.33 -42.70 12.35
CA ILE A 506 24.18 -43.45 11.43
C ILE A 506 25.61 -43.17 11.82
N HIS A 507 26.37 -44.21 12.10
CA HIS A 507 27.74 -44.06 12.55
C HIS A 507 28.67 -44.22 11.37
N LEU A 508 29.38 -43.15 11.03
CA LEU A 508 30.28 -43.17 9.88
C LEU A 508 31.67 -43.65 10.25
N HIS A 509 32.15 -43.30 11.44
CA HIS A 509 33.48 -43.73 11.88
C HIS A 509 33.45 -44.59 13.15
N GLN A 517 41.27 -36.33 14.31
CA GLN A 517 41.03 -36.09 12.88
C GLN A 517 41.30 -34.61 12.50
N PRO A 518 41.75 -34.40 11.26
CA PRO A 518 42.05 -33.03 10.80
C PRO A 518 40.79 -32.28 10.39
N PRO A 519 40.88 -30.95 10.21
CA PRO A 519 39.68 -30.17 9.91
C PRO A 519 38.93 -30.68 8.68
N ILE A 520 37.61 -30.47 8.67
CA ILE A 520 36.81 -30.74 7.49
C ILE A 520 36.97 -29.58 6.55
N VAL A 521 37.33 -29.89 5.31
CA VAL A 521 37.46 -28.90 4.25
C VAL A 521 36.62 -29.38 3.08
N ASP A 522 35.54 -28.66 2.80
CA ASP A 522 34.73 -28.95 1.63
C ASP A 522 35.42 -28.45 0.37
N PRO A 523 35.81 -29.33 -0.57
CA PRO A 523 36.45 -28.85 -1.80
C PRO A 523 35.51 -28.18 -2.78
N ASP A 524 34.21 -28.37 -2.66
CA ASP A 524 33.32 -27.74 -3.62
C ASP A 524 33.08 -26.29 -3.23
N PRO A 525 32.94 -25.41 -4.20
CA PRO A 525 32.56 -24.02 -3.89
C PRO A 525 31.04 -23.88 -3.71
N LEU A 526 30.64 -22.76 -3.13
CA LEU A 526 29.23 -22.43 -2.93
C LEU A 526 28.58 -22.04 -4.26
N LEU A 527 27.39 -22.56 -4.54
CA LEU A 527 26.57 -22.15 -5.68
C LEU A 527 25.40 -21.32 -5.16
N SER A 528 25.37 -20.02 -5.46
CA SER A 528 24.23 -19.18 -5.10
C SER A 528 23.08 -19.33 -6.07
N CYS A 529 22.00 -19.94 -5.60
CA CYS A 529 20.80 -20.10 -6.41
C CYS A 529 19.59 -19.94 -5.51
N ASP A 530 19.00 -18.75 -5.51
CA ASP A 530 17.84 -18.44 -4.65
C ASP A 530 16.68 -19.42 -4.83
N LEU A 531 16.40 -19.83 -6.06
CA LEU A 531 15.32 -20.78 -6.32
C LEU A 531 15.45 -22.06 -5.50
N MET A 532 16.68 -22.50 -5.20
CA MET A 532 16.86 -23.76 -4.50
C MET A 532 17.47 -23.56 -3.11
N ASP A 533 17.54 -22.32 -2.61
CA ASP A 533 17.95 -22.01 -1.23
C ASP A 533 16.84 -22.37 -0.24
N GLY A 534 16.76 -23.63 0.13
CA GLY A 534 15.60 -24.12 0.84
C GLY A 534 14.45 -24.46 -0.10
N ARG A 535 13.49 -25.23 0.42
CA ARG A 535 12.49 -25.88 -0.42
C ARG A 535 11.29 -25.00 -0.77
N ASP A 536 11.13 -23.84 -0.16
CA ASP A 536 9.90 -23.12 -0.44
C ASP A 536 9.92 -22.42 -1.79
N ALA A 537 11.07 -21.89 -2.21
CA ALA A 537 11.10 -21.08 -3.42
C ALA A 537 10.68 -21.87 -4.68
N PHE A 538 11.12 -23.12 -4.80
CA PHE A 538 10.81 -23.93 -5.96
C PHE A 538 9.38 -24.46 -5.95
N LEU A 539 8.88 -24.85 -4.78
CA LEU A 539 7.46 -25.20 -4.64
C LEU A 539 6.58 -24.07 -5.08
N THR A 540 6.90 -22.85 -4.66
CA THR A 540 6.05 -21.73 -5.02
C THR A 540 6.06 -21.49 -6.51
N LEU A 541 7.26 -21.47 -7.12
CA LEU A 541 7.38 -21.17 -8.54
C LEU A 541 6.70 -22.23 -9.39
N ALA A 542 6.85 -23.51 -9.00
CA ALA A 542 6.17 -24.55 -9.74
C ALA A 542 4.65 -24.46 -9.58
N ARG A 543 4.15 -24.06 -8.41
CA ARG A 543 2.71 -23.89 -8.26
C ARG A 543 2.19 -22.79 -9.17
N ASP A 544 2.95 -21.70 -9.29
CA ASP A 544 2.52 -20.58 -10.09
C ASP A 544 2.62 -20.88 -11.57
N LYS A 545 3.62 -21.64 -11.97
CA LYS A 545 3.86 -21.96 -13.36
C LYS A 545 3.27 -23.29 -13.79
N HIS A 546 2.59 -24.02 -12.88
CA HIS A 546 1.96 -25.30 -13.23
C HIS A 546 3.00 -26.30 -13.73
N TRP A 547 4.17 -26.30 -13.11
CA TRP A 547 5.17 -27.32 -13.36
C TRP A 547 4.85 -28.48 -12.44
N GLU A 548 3.90 -29.31 -12.85
CA GLU A 548 3.57 -30.48 -12.05
C GLU A 548 4.51 -31.63 -12.36
N PHE A 549 4.63 -32.56 -11.43
CA PHE A 549 5.29 -33.82 -11.69
C PHE A 549 4.29 -34.97 -11.58
N SER A 550 3.07 -34.72 -12.05
CA SER A 550 1.96 -35.64 -11.86
C SER A 550 1.88 -36.74 -12.90
N SER A 551 2.58 -36.61 -14.02
CA SER A 551 2.58 -37.60 -15.09
C SER A 551 3.95 -37.58 -15.75
N LEU A 552 4.24 -38.61 -16.54
CA LEU A 552 5.50 -38.62 -17.29
C LEU A 552 5.57 -37.42 -18.23
N ARG A 553 4.52 -37.15 -18.96
CA ARG A 553 4.60 -36.04 -19.91
C ARG A 553 4.70 -34.71 -19.17
N ARG A 554 3.97 -34.54 -18.05
CA ARG A 554 4.09 -33.26 -17.35
C ARG A 554 5.45 -33.13 -16.65
N SER A 555 5.98 -34.22 -16.11
CA SER A 555 7.30 -34.12 -15.47
C SER A 555 8.40 -33.73 -16.45
N LYS A 556 8.30 -34.23 -17.70
CA LYS A 556 9.26 -33.88 -18.74
C LYS A 556 9.27 -32.39 -18.99
N TRP A 557 8.12 -31.79 -19.05
CA TRP A 557 8.00 -30.36 -19.24
C TRP A 557 8.54 -29.59 -18.04
N SER A 558 8.16 -30.04 -16.84
CA SER A 558 8.58 -29.38 -15.60
C SER A 558 10.08 -29.42 -15.46
N THR A 559 10.69 -30.54 -15.81
CA THR A 559 12.14 -30.63 -15.77
C THR A 559 12.75 -29.62 -16.74
N LEU A 560 12.21 -29.56 -17.98
CA LEU A 560 12.71 -28.68 -19.01
C LEU A 560 12.81 -27.25 -18.50
N CYS A 561 11.72 -26.75 -17.92
CA CYS A 561 11.66 -25.38 -17.43
C CYS A 561 12.46 -25.20 -16.13
N MET A 562 12.42 -26.19 -15.22
CA MET A 562 13.30 -26.16 -14.06
C MET A 562 14.75 -25.94 -14.49
N LEU A 563 15.20 -26.71 -15.49
CA LEU A 563 16.57 -26.60 -15.96
C LEU A 563 16.83 -25.26 -16.64
N VAL A 564 15.84 -24.69 -17.32
CA VAL A 564 16.07 -23.35 -17.87
C VAL A 564 16.26 -22.34 -16.76
N GLU A 565 15.49 -22.48 -15.67
CA GLU A 565 15.62 -21.58 -14.54
C GLU A 565 17.01 -21.68 -13.91
N LEU A 566 17.53 -22.89 -13.74
CA LEU A 566 18.84 -23.04 -13.12
C LEU A 566 19.93 -22.46 -14.01
N HIS A 567 19.85 -22.70 -15.32
CA HIS A 567 20.88 -22.22 -16.21
C HIS A 567 20.88 -20.71 -16.32
N THR A 568 19.70 -20.09 -16.40
CA THR A 568 19.67 -18.69 -16.76
C THR A 568 19.27 -17.73 -15.66
N GLN A 569 18.70 -18.20 -14.56
CA GLN A 569 18.22 -17.27 -13.55
C GLN A 569 18.98 -17.42 -12.23
N GLY A 570 20.05 -18.20 -12.22
CA GLY A 570 20.92 -18.25 -11.06
C GLY A 570 21.55 -16.91 -10.76
N GLN A 571 22.31 -16.85 -9.67
CA GLN A 571 22.93 -15.62 -9.17
C GLN A 571 24.46 -15.63 -9.29
N ASP A 572 25.06 -16.69 -9.84
CA ASP A 572 26.52 -16.75 -9.91
C ASP A 572 27.00 -16.24 -11.27
N ARG A 573 28.06 -15.43 -11.25
CA ARG A 573 28.76 -14.98 -12.44
C ARG A 573 30.17 -15.51 -12.32
N PHE A 574 30.81 -15.79 -13.47
CA PHE A 574 32.05 -16.56 -13.48
C PHE A 574 33.27 -15.75 -13.90
N VAL A 575 34.29 -15.78 -13.04
CA VAL A 575 35.63 -15.27 -13.32
C VAL A 575 36.52 -16.44 -13.72
N TYR A 576 37.42 -16.22 -14.66
CA TYR A 576 38.30 -17.27 -15.15
C TYR A 576 39.75 -16.93 -14.81
N THR A 577 40.45 -17.90 -14.24
CA THR A 577 41.87 -17.75 -13.89
C THR A 577 42.72 -18.83 -14.54
N CYS A 578 43.96 -18.46 -14.87
CA CYS A 578 44.94 -19.42 -15.36
C CYS A 578 45.29 -20.41 -14.24
N ASN A 579 45.16 -21.72 -14.50
CA ASN A 579 45.44 -22.68 -13.43
C ASN A 579 46.90 -22.68 -13.01
N GLU A 580 47.80 -22.06 -13.79
CA GLU A 580 49.23 -22.04 -13.50
C GLU A 580 49.64 -20.80 -12.71
N CYS A 581 49.48 -19.62 -13.28
CA CYS A 581 49.89 -18.39 -12.59
C CYS A 581 48.75 -17.74 -11.81
N LYS A 582 47.55 -18.30 -11.86
CA LYS A 582 46.38 -17.89 -11.10
C LYS A 582 45.85 -16.49 -11.45
N HIS A 583 46.42 -15.82 -12.45
CA HIS A 583 45.95 -14.51 -12.88
C HIS A 583 44.57 -14.61 -13.55
N HIS A 584 43.84 -13.50 -13.54
CA HIS A 584 42.56 -13.46 -14.21
C HIS A 584 42.79 -13.48 -15.71
N VAL A 585 41.97 -14.26 -16.43
CA VAL A 585 42.15 -14.34 -17.88
C VAL A 585 40.87 -13.92 -18.59
N GLU A 586 41.03 -13.39 -19.81
CA GLU A 586 39.91 -13.21 -20.73
C GLU A 586 40.07 -14.21 -21.86
N THR A 587 40.75 -13.86 -22.96
CA THR A 587 41.14 -14.86 -23.95
C THR A 587 41.96 -15.94 -23.25
N ARG A 588 41.69 -17.21 -23.57
CA ARG A 588 42.37 -18.28 -22.84
C ARG A 588 42.34 -19.58 -23.63
N TRP A 589 43.19 -20.52 -23.17
CA TRP A 589 43.25 -21.87 -23.69
C TRP A 589 42.56 -22.78 -22.70
N HIS A 590 41.53 -23.46 -23.16
CA HIS A 590 40.72 -24.28 -22.28
C HIS A 590 40.95 -25.74 -22.66
N CYS A 591 41.14 -26.58 -21.65
CA CYS A 591 41.43 -27.97 -21.92
C CYS A 591 40.19 -28.75 -22.34
N THR A 592 40.36 -29.58 -23.37
CA THR A 592 39.29 -30.43 -23.88
C THR A 592 39.04 -31.68 -23.04
N VAL A 593 39.92 -32.02 -22.11
CA VAL A 593 39.86 -33.28 -21.37
C VAL A 593 39.60 -33.04 -19.89
N CYS A 594 40.41 -32.19 -19.26
CA CYS A 594 40.26 -31.89 -17.84
C CYS A 594 38.91 -31.25 -17.54
N GLU A 595 38.43 -31.48 -16.32
CA GLU A 595 37.10 -31.01 -15.94
C GLU A 595 37.01 -29.49 -16.12
N ASP A 596 38.02 -28.75 -15.66
CA ASP A 596 37.98 -27.29 -15.76
C ASP A 596 39.37 -26.63 -15.70
N TYR A 597 40.17 -26.70 -16.79
CA TYR A 597 41.58 -26.30 -16.79
C TYR A 597 41.84 -25.24 -17.87
N ASP A 598 42.53 -24.16 -17.47
CA ASP A 598 42.75 -22.99 -18.33
C ASP A 598 44.17 -22.50 -18.16
N LEU A 599 44.72 -21.94 -19.24
CA LEU A 599 46.00 -21.27 -19.19
C LEU A 599 45.91 -19.95 -19.94
N CYS A 600 46.48 -18.90 -19.37
CA CYS A 600 46.64 -17.67 -20.13
C CYS A 600 47.55 -17.91 -21.34
N ILE A 601 47.62 -16.90 -22.20
CA ILE A 601 48.41 -17.01 -23.42
C ILE A 601 49.88 -17.24 -23.07
N ASN A 602 50.38 -16.50 -22.08
CA ASN A 602 51.79 -16.64 -21.68
C ASN A 602 52.08 -18.06 -21.19
N CYS A 603 51.25 -18.59 -20.27
CA CYS A 603 51.45 -19.95 -19.79
C CYS A 603 51.30 -21.01 -20.88
N TYR A 604 50.33 -20.83 -21.79
CA TYR A 604 50.23 -21.74 -22.94
C TYR A 604 51.56 -21.81 -23.66
N ASN A 605 52.29 -20.69 -23.71
CA ASN A 605 53.60 -20.50 -24.33
C ASN A 605 54.79 -20.99 -23.48
N THR A 606 54.58 -21.53 -22.26
CA THR A 606 55.72 -21.99 -21.46
C THR A 606 55.39 -23.35 -20.84
N LYS A 607 54.33 -23.42 -20.04
CA LYS A 607 53.92 -24.67 -19.39
C LYS A 607 53.34 -25.64 -20.42
N SER A 608 53.88 -26.85 -20.50
CA SER A 608 53.30 -27.82 -21.39
C SER A 608 52.11 -28.51 -20.73
N HIS A 609 51.08 -28.76 -21.52
CA HIS A 609 49.93 -29.55 -21.14
C HIS A 609 49.77 -30.57 -22.27
N THR A 610 49.59 -31.85 -21.93
CA THR A 610 49.61 -32.87 -22.98
C THR A 610 48.31 -32.97 -23.77
N HIS A 611 47.20 -32.43 -23.24
CA HIS A 611 45.90 -32.52 -23.90
C HIS A 611 45.73 -31.39 -24.90
N LYS A 612 44.88 -31.64 -25.90
CA LYS A 612 44.50 -30.59 -26.83
C LYS A 612 43.74 -29.49 -26.09
N MET A 613 44.04 -28.23 -26.42
CA MET A 613 43.35 -27.09 -25.83
C MET A 613 42.73 -26.19 -26.90
N VAL A 614 41.59 -25.56 -26.56
CA VAL A 614 40.93 -24.65 -27.50
C VAL A 614 40.99 -23.24 -26.93
N LYS A 615 40.94 -22.24 -27.82
CA LYS A 615 41.02 -20.84 -27.41
C LYS A 615 39.59 -20.33 -27.18
N TRP A 616 39.34 -19.81 -25.97
CA TRP A 616 38.04 -19.31 -25.52
C TRP A 616 38.20 -17.90 -24.97
N GLY A 617 37.05 -17.22 -24.81
CA GLY A 617 37.02 -15.83 -24.39
C GLY A 617 37.60 -14.90 -25.45
N LEU A 618 37.51 -13.60 -25.15
CA LEU A 618 38.03 -12.56 -26.02
C LEU A 618 38.11 -11.29 -25.19
N GLY A 619 39.28 -10.92 -24.75
CA GLY A 619 39.40 -9.73 -23.95
C GLY A 619 39.45 -8.48 -24.79
N LEU A 620 39.14 -7.36 -24.13
CA LEU A 620 39.06 -6.07 -24.80
C LEU A 620 40.37 -5.30 -24.81
N ASP A 621 41.44 -5.84 -24.23
CA ASP A 621 42.76 -5.17 -24.25
C ASP A 621 43.78 -5.89 -25.13
N GLY B 1 -20.14 20.49 -32.25
CA GLY B 1 -20.67 21.57 -31.45
C GLY B 1 -22.02 21.27 -30.82
N ALA B 2 -22.83 22.33 -30.72
CA ALA B 2 -24.22 22.36 -30.25
C ALA B 2 -24.31 22.48 -28.73
N MET B 3 -24.84 23.61 -28.25
CA MET B 3 -25.10 23.86 -26.83
C MET B 3 -26.15 24.96 -26.70
N GLY B 4 -27.26 24.70 -26.02
CA GLY B 4 -28.34 25.66 -25.86
C GLY B 4 -28.40 26.39 -24.54
N SER B 5 -28.97 27.61 -24.56
CA SER B 5 -29.10 28.43 -23.35
C SER B 5 -30.27 29.42 -23.47
N SER B 6 -30.80 29.85 -22.31
CA SER B 6 -31.92 30.78 -22.17
C SER B 6 -31.70 31.82 -21.06
N GLN B 7 -32.27 33.04 -21.25
CA GLN B 7 -32.22 34.16 -20.30
C GLN B 7 -33.17 35.32 -20.62
N PRO B 8 -34.40 35.34 -20.06
CA PRO B 8 -35.38 36.38 -20.45
C PRO B 8 -35.20 37.79 -19.88
N ARG B 9 -35.06 37.93 -18.55
CA ARG B 9 -35.04 39.24 -17.89
C ARG B 9 -33.63 39.85 -17.78
N LYS B 10 -32.74 39.57 -18.73
CA LYS B 10 -31.34 39.98 -18.65
C LYS B 10 -31.17 41.50 -18.68
N LYS B 11 -30.13 41.98 -17.97
CA LYS B 11 -29.69 43.37 -18.06
C LYS B 11 -28.80 43.50 -19.29
N ILE B 12 -29.21 44.35 -20.22
CA ILE B 12 -28.49 44.53 -21.48
C ILE B 12 -28.09 46.00 -21.61
N PHE B 13 -26.88 46.24 -22.11
CA PHE B 13 -26.30 47.57 -22.15
C PHE B 13 -26.10 48.03 -23.59
N LYS B 14 -26.61 49.23 -23.90
CA LYS B 14 -26.36 49.87 -25.18
C LYS B 14 -25.04 50.62 -25.13
N PRO B 15 -24.20 50.54 -26.18
CA PRO B 15 -22.93 51.27 -26.20
C PRO B 15 -22.95 52.65 -25.55
N GLU B 16 -23.89 53.52 -25.93
CA GLU B 16 -23.90 54.89 -25.42
C GLU B 16 -24.03 54.93 -23.89
N GLU B 17 -24.81 54.02 -23.31
CA GLU B 17 -24.93 53.93 -21.86
C GLU B 17 -23.57 53.63 -21.23
N LEU B 18 -22.85 52.66 -21.80
CA LEU B 18 -21.52 52.32 -21.33
C LEU B 18 -20.59 53.53 -21.36
N ARG B 19 -20.50 54.18 -22.53
CA ARG B 19 -19.61 55.33 -22.70
C ARG B 19 -19.84 56.38 -21.62
N GLN B 20 -21.11 56.79 -21.42
CA GLN B 20 -21.42 57.84 -20.45
C GLN B 20 -20.94 57.48 -19.04
N ALA B 21 -20.90 56.20 -18.71
CA ALA B 21 -20.45 55.72 -17.40
C ALA B 21 -18.99 55.28 -17.39
N LEU B 22 -18.57 54.50 -18.38
CA LEU B 22 -17.26 53.85 -18.32
C LEU B 22 -16.13 54.81 -18.67
N MET B 23 -16.23 55.51 -19.79
CA MET B 23 -15.07 56.27 -20.28
C MET B 23 -14.59 57.37 -19.33
N PRO B 24 -15.42 57.99 -18.46
CA PRO B 24 -14.84 58.87 -17.42
C PRO B 24 -13.76 58.18 -16.58
N THR B 25 -13.76 56.85 -16.54
CA THR B 25 -12.69 56.12 -15.87
C THR B 25 -11.48 55.91 -16.80
N LEU B 26 -11.71 55.58 -18.07
CA LEU B 26 -10.60 55.44 -19.01
C LEU B 26 -9.90 56.77 -19.27
N GLU B 27 -10.62 57.89 -19.11
CA GLU B 27 -9.98 59.19 -19.27
C GLU B 27 -9.14 59.54 -18.06
N ALA B 28 -9.59 59.18 -16.85
CA ALA B 28 -8.78 59.38 -15.67
C ALA B 28 -7.45 58.64 -15.76
N LEU B 29 -7.36 57.59 -16.58
CA LEU B 29 -6.08 56.95 -16.82
C LEU B 29 -5.24 57.78 -17.78
N TYR B 30 -5.85 58.27 -18.87
CA TYR B 30 -5.13 59.12 -19.81
C TYR B 30 -4.61 60.38 -19.12
N ARG B 31 -5.38 60.94 -18.18
CA ARG B 31 -4.96 62.15 -17.44
C ARG B 31 -3.72 61.95 -16.58
N GLN B 32 -3.23 60.72 -16.44
CA GLN B 32 -2.04 60.46 -15.64
C GLN B 32 -0.81 60.72 -16.50
N ASP B 33 -0.05 61.76 -16.14
CA ASP B 33 1.16 62.13 -16.90
C ASP B 33 2.37 62.20 -15.97
N PRO B 34 3.46 61.51 -16.35
CA PRO B 34 3.68 60.79 -17.61
C PRO B 34 3.31 59.31 -17.59
N GLU B 35 2.65 58.84 -16.53
CA GLU B 35 2.53 57.41 -16.32
C GLU B 35 1.78 56.72 -17.45
N SER B 36 0.77 57.39 -18.01
CA SER B 36 -0.03 56.73 -19.03
C SER B 36 0.65 56.67 -20.39
N LEU B 37 1.73 57.44 -20.59
CA LEU B 37 2.31 57.56 -21.93
C LEU B 37 2.78 56.22 -22.51
N PRO B 38 3.47 55.34 -21.77
CA PRO B 38 3.84 54.04 -22.36
C PRO B 38 2.64 53.14 -22.60
N PHE B 39 1.44 53.56 -22.17
CA PHE B 39 0.24 52.76 -22.26
C PHE B 39 -0.75 53.29 -23.30
N ARG B 40 -0.40 54.36 -24.02
CA ARG B 40 -1.29 54.92 -25.03
C ARG B 40 -1.20 54.21 -26.37
N GLN B 41 -0.18 53.38 -26.57
CA GLN B 41 0.02 52.64 -27.81
C GLN B 41 0.42 51.23 -27.49
N PRO B 42 0.24 50.29 -28.41
CA PRO B 42 0.72 48.92 -28.23
C PRO B 42 2.22 48.87 -28.10
N VAL B 43 2.69 48.09 -27.13
CA VAL B 43 4.13 47.92 -26.93
C VAL B 43 4.77 47.47 -28.24
N ASP B 44 5.82 48.19 -28.67
CA ASP B 44 6.56 47.87 -29.88
C ASP B 44 7.91 47.27 -29.50
N PRO B 45 8.05 45.94 -29.50
CA PRO B 45 9.34 45.33 -29.12
C PRO B 45 10.48 45.66 -30.07
N GLN B 46 10.22 46.05 -31.32
CA GLN B 46 11.31 46.36 -32.23
C GLN B 46 11.82 47.80 -32.06
N LEU B 47 10.95 48.70 -31.60
CA LEU B 47 11.39 50.04 -31.20
C LEU B 47 12.13 50.01 -29.86
N LEU B 48 11.74 49.13 -28.94
CA LEU B 48 12.32 49.12 -27.60
C LEU B 48 13.53 48.20 -27.44
N GLY B 49 13.82 47.34 -28.41
CA GLY B 49 14.98 46.48 -28.28
C GLY B 49 14.74 45.25 -27.44
N ILE B 50 13.51 44.76 -27.41
CA ILE B 50 13.10 43.64 -26.58
C ILE B 50 12.34 42.61 -27.42
N PRO B 51 13.03 41.78 -28.23
CA PRO B 51 12.33 40.69 -28.94
C PRO B 51 11.59 39.80 -27.95
N ASP B 52 12.03 39.89 -26.71
CA ASP B 52 11.44 39.17 -25.58
C ASP B 52 9.92 39.30 -25.54
N TYR B 53 9.37 40.49 -25.80
CA TYR B 53 8.07 40.88 -25.24
C TYR B 53 6.93 39.95 -25.66
N PHE B 54 6.82 39.64 -26.95
CA PHE B 54 5.68 38.85 -27.40
C PHE B 54 5.79 37.38 -27.03
N ASP B 55 6.97 36.93 -26.60
CA ASP B 55 7.10 35.59 -26.03
C ASP B 55 6.56 35.52 -24.60
N ILE B 56 6.61 36.62 -23.85
CA ILE B 56 6.15 36.64 -22.46
C ILE B 56 4.71 37.13 -22.35
N VAL B 57 4.34 38.16 -23.09
CA VAL B 57 2.97 38.66 -23.09
C VAL B 57 2.28 38.01 -24.27
N LYS B 58 1.30 37.14 -24.00
CA LYS B 58 0.62 36.45 -25.09
C LYS B 58 -0.53 37.26 -25.67
N ASN B 59 -1.13 38.14 -24.87
CA ASN B 59 -2.22 39.00 -25.32
C ASN B 59 -1.91 40.43 -24.90
N PRO B 60 -1.17 41.17 -25.73
CA PRO B 60 -0.98 42.60 -25.47
C PRO B 60 -2.30 43.36 -25.47
N MET B 61 -2.28 44.52 -24.80
CA MET B 61 -3.44 45.39 -24.69
C MET B 61 -2.95 46.75 -24.22
N ASP B 62 -3.72 47.79 -24.52
CA ASP B 62 -3.30 49.15 -24.23
C ASP B 62 -4.53 50.06 -24.18
N LEU B 63 -4.28 51.32 -23.80
CA LEU B 63 -5.38 52.28 -23.67
C LEU B 63 -6.10 52.50 -25.00
N SER B 64 -5.34 52.74 -26.07
CA SER B 64 -5.94 53.07 -27.37
C SER B 64 -6.85 51.96 -27.87
N THR B 65 -6.38 50.70 -27.82
CA THR B 65 -7.23 49.57 -28.22
C THR B 65 -8.52 49.55 -27.40
N ILE B 66 -8.43 49.81 -26.09
CA ILE B 66 -9.63 49.89 -25.27
C ILE B 66 -10.47 51.10 -25.67
N LYS B 67 -9.83 52.25 -25.90
CA LYS B 67 -10.56 53.43 -26.38
C LYS B 67 -11.27 53.14 -27.69
N ARG B 68 -10.66 52.32 -28.56
CA ARG B 68 -11.31 51.89 -29.79
C ARG B 68 -12.60 51.11 -29.50
N LYS B 69 -12.48 50.01 -28.74
CA LYS B 69 -13.63 49.15 -28.43
C LYS B 69 -14.77 49.93 -27.79
N LEU B 70 -14.45 50.86 -26.88
CA LEU B 70 -15.50 51.61 -26.19
C LEU B 70 -16.22 52.59 -27.13
N ASP B 71 -15.55 53.02 -28.21
CA ASP B 71 -16.15 53.82 -29.26
C ASP B 71 -16.82 52.97 -30.33
N THR B 72 -16.22 51.82 -30.67
CA THR B 72 -16.82 50.87 -31.60
C THR B 72 -18.09 50.24 -31.05
N GLY B 73 -18.25 50.24 -29.72
CA GLY B 73 -19.34 49.54 -29.08
C GLY B 73 -19.11 48.06 -28.89
N GLN B 74 -17.88 47.59 -29.10
CA GLN B 74 -17.49 46.19 -29.05
C GLN B 74 -17.61 45.59 -27.64
N TYR B 75 -18.03 46.38 -26.65
CA TYR B 75 -18.18 45.97 -25.26
C TYR B 75 -19.68 45.86 -24.96
N GLN B 76 -20.20 44.64 -24.87
CA GLN B 76 -21.61 44.46 -24.55
C GLN B 76 -21.89 44.67 -23.06
N GLU B 77 -21.15 43.96 -22.16
CA GLU B 77 -21.24 44.10 -20.70
C GLU B 77 -20.04 44.83 -20.13
N PRO B 78 -20.19 45.50 -18.99
CA PRO B 78 -19.06 46.27 -18.43
C PRO B 78 -17.84 45.44 -18.04
N TRP B 79 -17.99 44.16 -17.70
CA TRP B 79 -16.84 43.33 -17.28
C TRP B 79 -15.81 43.12 -18.39
N GLN B 80 -16.19 43.32 -19.65
CA GLN B 80 -15.28 43.10 -20.78
C GLN B 80 -14.28 44.26 -20.93
N TYR B 81 -14.77 45.48 -20.66
CA TYR B 81 -13.88 46.64 -20.49
C TYR B 81 -12.91 46.41 -19.34
N VAL B 82 -13.45 46.09 -18.16
CA VAL B 82 -12.63 45.93 -16.96
C VAL B 82 -11.58 44.85 -17.15
N ASP B 83 -11.98 43.68 -17.64
CA ASP B 83 -11.01 42.63 -17.90
C ASP B 83 -9.86 43.09 -18.79
N ASP B 84 -10.12 44.00 -19.72
CA ASP B 84 -9.04 44.42 -20.62
C ASP B 84 -8.16 45.48 -19.98
N VAL B 85 -8.72 46.38 -19.17
CA VAL B 85 -7.89 47.32 -18.42
C VAL B 85 -6.95 46.55 -17.49
N TRP B 86 -7.48 45.56 -16.76
CA TRP B 86 -6.65 44.73 -15.89
C TRP B 86 -5.71 43.86 -16.68
N LEU B 87 -6.10 43.48 -17.90
CA LEU B 87 -5.17 42.76 -18.76
C LEU B 87 -3.97 43.63 -19.09
N MET B 88 -4.21 44.91 -19.38
CA MET B 88 -3.13 45.86 -19.60
C MET B 88 -2.19 45.91 -18.40
N PHE B 89 -2.76 46.10 -17.20
CA PHE B 89 -1.94 46.24 -16.00
C PHE B 89 -1.10 44.99 -15.75
N ASN B 90 -1.71 43.81 -15.91
CA ASN B 90 -1.02 42.56 -15.59
C ASN B 90 0.11 42.26 -16.59
N ASN B 91 -0.06 42.64 -17.85
CA ASN B 91 1.03 42.54 -18.83
C ASN B 91 2.26 43.30 -18.36
N ALA B 92 2.07 44.58 -18.00
CA ALA B 92 3.18 45.42 -17.57
C ALA B 92 3.84 44.84 -16.32
N TRP B 93 3.05 44.58 -15.28
CA TRP B 93 3.55 44.00 -14.05
C TRP B 93 4.35 42.74 -14.30
N LEU B 94 3.96 41.96 -15.32
CA LEU B 94 4.65 40.71 -15.58
C LEU B 94 6.03 40.97 -16.19
N TYR B 95 6.05 41.66 -17.35
CA TYR B 95 7.27 41.73 -18.15
C TYR B 95 8.38 42.53 -17.46
N ASN B 96 8.03 43.59 -16.72
CA ASN B 96 9.03 44.49 -16.18
C ASN B 96 9.39 44.12 -14.74
N ARG B 97 10.59 44.52 -14.33
CA ARG B 97 11.02 44.30 -12.96
C ARG B 97 10.25 45.25 -12.04
N LYS B 98 10.04 44.80 -10.81
CA LYS B 98 9.28 45.60 -9.84
C LYS B 98 9.93 46.97 -9.58
N THR B 99 11.20 47.14 -9.98
CA THR B 99 11.97 48.37 -9.78
C THR B 99 11.91 49.33 -10.95
N SER B 100 11.52 48.86 -12.13
CA SER B 100 11.54 49.66 -13.34
C SER B 100 10.56 50.83 -13.26
N ARG B 101 10.71 51.77 -14.20
CA ARG B 101 9.79 52.90 -14.30
C ARG B 101 8.40 52.42 -14.72
N VAL B 102 8.32 51.59 -15.75
CA VAL B 102 7.03 51.22 -16.32
C VAL B 102 6.19 50.49 -15.29
N TYR B 103 6.81 49.53 -14.58
CA TYR B 103 6.10 48.82 -13.52
C TYR B 103 5.51 49.80 -12.52
N LYS B 104 6.28 50.80 -12.12
CA LYS B 104 5.74 51.76 -11.16
C LYS B 104 4.68 52.65 -11.81
N PHE B 105 4.86 52.99 -13.09
CA PHE B 105 3.79 53.67 -13.81
C PHE B 105 2.49 52.87 -13.74
N CYS B 106 2.59 51.57 -14.06
CA CYS B 106 1.44 50.69 -14.03
C CYS B 106 0.73 50.70 -12.68
N SER B 107 1.51 50.56 -11.59
CA SER B 107 0.90 50.55 -10.27
C SER B 107 0.23 51.87 -9.91
N LYS B 108 0.61 52.95 -10.58
CA LYS B 108 -0.09 54.22 -10.37
C LYS B 108 -1.40 54.21 -11.12
N LEU B 109 -1.38 53.78 -12.37
CA LEU B 109 -2.62 53.66 -13.13
C LEU B 109 -3.62 52.78 -12.39
N ALA B 110 -3.16 51.63 -11.90
CA ALA B 110 -4.07 50.70 -11.25
C ALA B 110 -4.68 51.29 -9.98
N GLU B 111 -3.88 52.00 -9.17
CA GLU B 111 -4.43 52.59 -7.96
C GLU B 111 -5.50 53.63 -8.30
N VAL B 112 -5.34 54.30 -9.44
CA VAL B 112 -6.34 55.26 -9.90
C VAL B 112 -7.62 54.55 -10.32
N PHE B 113 -7.48 53.54 -11.18
CA PHE B 113 -8.61 52.76 -11.68
C PHE B 113 -9.43 52.20 -10.52
N GLU B 114 -8.76 51.59 -9.53
CA GLU B 114 -9.48 51.00 -8.40
C GLU B 114 -10.39 52.02 -7.73
N GLN B 115 -9.93 53.26 -7.60
CA GLN B 115 -10.77 54.27 -6.97
C GLN B 115 -11.87 54.73 -7.91
N GLU B 116 -11.60 54.78 -9.21
CA GLU B 116 -12.62 55.27 -10.14
C GLU B 116 -13.60 54.17 -10.51
N ILE B 117 -13.12 52.96 -10.82
CA ILE B 117 -14.01 51.98 -11.41
C ILE B 117 -14.97 51.42 -10.36
N ASP B 118 -14.59 51.43 -9.08
CA ASP B 118 -15.48 50.88 -8.05
C ASP B 118 -16.82 51.59 -7.99
N PRO B 119 -16.89 52.89 -7.67
CA PRO B 119 -18.22 53.55 -7.62
C PRO B 119 -18.98 53.48 -8.93
N VAL B 120 -18.28 53.42 -10.06
CA VAL B 120 -18.95 53.42 -11.36
C VAL B 120 -19.67 52.09 -11.58
N MET B 121 -18.93 50.98 -11.49
CA MET B 121 -19.54 49.65 -11.58
C MET B 121 -20.63 49.47 -10.55
N GLN B 122 -20.54 50.15 -9.41
CA GLN B 122 -21.60 50.08 -8.42
C GLN B 122 -22.82 50.91 -8.82
N SER B 123 -22.62 52.00 -9.59
CA SER B 123 -23.78 52.70 -10.15
C SER B 123 -24.40 51.87 -11.27
N LEU B 124 -23.63 51.01 -11.93
CA LEU B 124 -24.17 50.10 -12.94
C LEU B 124 -24.81 48.87 -12.32
N GLY B 125 -24.93 48.83 -10.99
CA GLY B 125 -25.57 47.71 -10.33
C GLY B 125 -24.66 46.53 -10.09
N TYR B 126 -23.36 46.74 -9.94
CA TYR B 126 -22.40 45.68 -9.68
C TYR B 126 -21.75 45.91 -8.32
N CYS B 127 -20.93 44.94 -7.91
CA CYS B 127 -20.31 44.98 -6.58
C CYS B 127 -19.06 45.85 -6.57
N CYS B 128 -18.22 45.71 -7.60
CA CYS B 128 -16.97 46.46 -7.71
C CYS B 128 -16.41 46.23 -9.11
N GLY B 129 -15.27 46.86 -9.38
CA GLY B 129 -14.65 46.65 -10.68
C GLY B 129 -13.27 46.05 -10.63
N ARG B 130 -12.98 45.21 -9.63
CA ARG B 130 -11.64 44.65 -9.51
C ARG B 130 -11.52 43.31 -10.23
N LYS B 131 -10.29 42.92 -10.50
CA LYS B 131 -9.99 41.54 -10.86
C LYS B 131 -9.28 40.92 -9.67
N TYR B 132 -9.80 39.81 -9.18
CA TYR B 132 -9.26 39.18 -7.99
C TYR B 132 -8.72 37.80 -8.30
N GLU B 133 -7.59 37.47 -7.71
CA GLU B 133 -7.07 36.12 -7.72
C GLU B 133 -6.64 35.75 -6.30
N PHE B 134 -6.64 34.46 -6.02
CA PHE B 134 -6.27 33.96 -4.70
C PHE B 134 -4.75 33.91 -4.54
N SER B 135 -4.31 33.96 -3.28
CA SER B 135 -2.90 33.97 -2.96
C SER B 135 -2.25 32.68 -3.44
N PRO B 136 -0.91 32.68 -3.63
CA PRO B 136 -0.12 31.47 -3.91
C PRO B 136 -0.10 30.42 -2.77
N GLN B 137 -0.60 29.22 -3.04
CA GLN B 137 -0.61 28.12 -2.08
N ASN B 200 4.36 27.49 -7.71
CA ASN B 200 4.01 26.82 -8.96
C ASN B 200 4.22 27.73 -10.17
N ASP B 201 3.20 28.53 -10.46
CA ASP B 201 3.14 29.47 -11.58
C ASP B 201 1.74 30.07 -11.64
N THR B 202 0.74 29.25 -11.33
CA THR B 202 -0.64 29.59 -11.55
C THR B 202 -1.30 30.16 -10.30
N LEU B 203 -2.28 31.02 -10.53
CA LEU B 203 -3.15 31.52 -9.49
C LEU B 203 -4.58 31.14 -9.83
N ASP B 204 -5.36 30.86 -8.81
CA ASP B 204 -6.75 30.54 -9.10
C ASP B 204 -7.60 31.80 -9.06
N PRO B 205 -8.56 31.96 -9.95
CA PRO B 205 -9.38 33.17 -9.96
C PRO B 205 -10.52 33.11 -8.96
N GLU B 206 -10.87 34.27 -8.40
CA GLU B 206 -12.02 34.34 -7.55
C GLU B 206 -13.23 33.82 -8.31
N PRO B 207 -14.28 33.39 -7.61
CA PRO B 207 -15.46 32.88 -8.27
C PRO B 207 -16.56 33.91 -8.45
N PHE B 208 -17.33 33.72 -9.51
CA PHE B 208 -18.41 34.62 -9.86
C PHE B 208 -19.76 33.95 -9.63
N VAL B 209 -20.78 34.78 -9.39
CA VAL B 209 -22.17 34.34 -9.39
C VAL B 209 -22.93 35.23 -10.34
N ASP B 210 -23.94 34.66 -11.01
CA ASP B 210 -24.85 35.42 -11.85
C ASP B 210 -26.18 35.59 -11.13
N CYS B 211 -26.68 36.81 -11.11
CA CYS B 211 -28.02 37.07 -10.61
C CYS B 211 -29.04 36.35 -11.50
N LYS B 212 -29.88 35.50 -10.89
CA LYS B 212 -30.87 34.75 -11.66
C LYS B 212 -31.91 35.66 -12.33
N GLU B 213 -32.03 36.92 -11.90
CA GLU B 213 -32.89 37.90 -12.55
C GLU B 213 -32.10 38.77 -13.54
N CYS B 214 -31.14 39.56 -13.02
CA CYS B 214 -30.33 40.43 -13.86
C CYS B 214 -29.58 39.65 -14.94
N GLY B 215 -28.87 38.60 -14.54
CA GLY B 215 -27.78 38.09 -15.34
C GLY B 215 -26.46 38.79 -15.08
N ARG B 216 -26.47 39.82 -14.23
CA ARG B 216 -25.24 40.53 -13.87
C ARG B 216 -24.27 39.62 -13.13
N LYS B 217 -23.08 39.43 -13.69
CA LYS B 217 -22.04 38.67 -13.02
C LYS B 217 -21.55 39.42 -11.78
N MET B 218 -21.35 38.67 -10.70
CA MET B 218 -20.91 39.25 -9.43
C MET B 218 -19.73 38.46 -8.88
N HIS B 219 -18.98 39.10 -7.99
CA HIS B 219 -18.01 38.38 -7.16
C HIS B 219 -18.77 37.67 -6.03
N GLN B 220 -18.67 36.33 -5.98
CA GLN B 220 -19.31 35.59 -4.90
C GLN B 220 -18.87 36.07 -3.52
N ILE B 221 -17.58 36.39 -3.38
CA ILE B 221 -17.12 36.83 -2.07
C ILE B 221 -17.70 38.22 -1.77
N CYS B 222 -17.84 39.06 -2.80
CA CYS B 222 -18.35 40.42 -2.61
C CYS B 222 -19.78 40.42 -2.08
N VAL B 223 -20.66 39.61 -2.69
CA VAL B 223 -22.06 39.59 -2.27
C VAL B 223 -22.33 38.64 -1.10
N LEU B 224 -21.36 37.81 -0.71
CA LEU B 224 -21.56 36.87 0.39
C LEU B 224 -22.80 36.06 0.14
N HIS B 225 -22.78 35.38 -1.00
CA HIS B 225 -23.83 34.46 -1.39
C HIS B 225 -23.31 33.03 -1.43
N TYR B 226 -24.13 32.11 -0.94
CA TYR B 226 -23.79 30.70 -0.81
C TYR B 226 -25.08 29.90 -1.00
N ASP B 227 -25.05 28.87 -1.84
CA ASP B 227 -26.30 28.15 -2.14
C ASP B 227 -26.83 27.36 -0.95
N ILE B 228 -25.97 26.87 -0.07
CA ILE B 228 -26.44 26.12 1.09
C ILE B 228 -27.33 27.02 1.94
N ILE B 229 -26.92 28.27 2.17
CA ILE B 229 -27.73 29.19 2.94
C ILE B 229 -28.99 29.61 2.17
N TRP B 230 -28.82 30.00 0.90
CA TRP B 230 -29.92 30.52 0.07
C TRP B 230 -30.10 29.65 -1.18
N PRO B 231 -30.87 28.55 -1.08
CA PRO B 231 -30.85 27.56 -2.16
C PRO B 231 -31.65 27.95 -3.39
N SER B 232 -32.51 28.96 -3.29
CA SER B 232 -33.24 29.43 -4.46
C SER B 232 -32.42 30.39 -5.31
N GLY B 233 -31.11 30.50 -5.06
CA GLY B 233 -30.17 31.17 -5.94
C GLY B 233 -29.89 32.60 -5.54
N PHE B 234 -28.95 33.21 -6.28
CA PHE B 234 -28.55 34.57 -5.99
C PHE B 234 -29.45 35.58 -6.71
N VAL B 235 -30.06 36.48 -5.94
CA VAL B 235 -30.83 37.59 -6.45
C VAL B 235 -30.22 38.87 -5.87
N CYS B 236 -29.69 39.72 -6.73
CA CYS B 236 -29.09 40.99 -6.35
C CYS B 236 -29.94 41.82 -5.39
N ASP B 237 -29.28 42.74 -4.67
CA ASP B 237 -29.96 43.53 -3.65
C ASP B 237 -31.04 44.43 -4.25
N ASN B 238 -30.83 44.91 -5.48
CA ASN B 238 -31.82 45.80 -6.12
C ASN B 238 -33.07 45.04 -6.54
N CYS B 239 -32.91 43.89 -7.20
CA CYS B 239 -34.05 43.07 -7.55
C CYS B 239 -34.85 42.67 -6.32
N LEU B 240 -34.21 42.59 -5.15
CA LEU B 240 -34.93 42.37 -3.91
C LEU B 240 -35.70 43.61 -3.47
N LYS B 241 -35.23 44.80 -3.84
CA LYS B 241 -36.03 46.01 -3.62
C LYS B 241 -37.26 46.05 -4.52
N LYS B 242 -37.18 45.43 -5.71
CA LYS B 242 -38.36 45.22 -6.55
C LYS B 242 -39.19 44.04 -6.04
N THR B 243 -39.15 43.82 -4.73
CA THR B 243 -39.80 42.68 -4.08
C THR B 243 -40.40 43.05 -2.74
N GLY B 244 -39.91 44.11 -2.10
CA GLY B 244 -40.37 44.48 -0.77
C GLY B 244 -39.72 43.63 0.29
N ARG B 245 -39.71 42.30 0.08
CA ARG B 245 -39.14 41.37 1.05
C ARG B 245 -37.61 41.37 0.96
N PRO B 246 -36.91 41.36 2.08
CA PRO B 246 -35.45 41.38 2.06
C PRO B 246 -34.92 39.96 1.83
N ARG B 247 -33.58 39.83 1.87
CA ARG B 247 -32.98 38.51 1.77
C ARG B 247 -33.40 37.67 2.98
N LYS B 248 -33.52 36.36 2.76
CA LYS B 248 -33.84 35.44 3.84
C LYS B 248 -32.70 35.34 4.84
N GLU B 249 -33.06 35.07 6.10
CA GLU B 249 -32.09 35.02 7.18
C GLU B 249 -31.10 33.88 7.02
N ASN B 250 -29.83 34.17 7.29
CA ASN B 250 -28.79 33.15 7.42
C ASN B 250 -28.86 32.55 8.82
N LYS B 251 -29.36 31.31 8.90
CA LYS B 251 -29.48 30.61 10.18
C LYS B 251 -28.16 29.98 10.58
N PHE B 252 -27.19 29.95 9.69
CA PHE B 252 -25.88 29.35 9.97
C PHE B 252 -24.90 30.37 10.52
N SER B 253 -25.27 31.04 11.60
CA SER B 253 -24.46 32.10 12.19
C SER B 253 -23.59 31.57 13.34
N ALA B 254 -22.69 32.44 13.80
CA ALA B 254 -21.95 32.17 15.02
C ALA B 254 -22.86 32.15 16.22
N LYS B 255 -23.77 33.14 16.33
CA LYS B 255 -24.71 33.19 17.43
C LYS B 255 -25.39 31.84 17.63
N ARG B 256 -25.76 31.20 16.54
CA ARG B 256 -26.52 29.96 16.59
C ARG B 256 -25.68 28.70 16.74
N LEU B 257 -24.35 28.80 16.84
CA LEU B 257 -23.56 27.62 17.21
C LEU B 257 -23.88 27.25 18.65
N GLN B 258 -23.93 25.94 18.91
CA GLN B 258 -24.24 25.43 20.25
C GLN B 258 -23.36 26.09 21.30
N THR B 259 -24.00 26.59 22.36
CA THR B 259 -23.32 27.28 23.46
C THR B 259 -22.82 26.29 24.49
N THR B 260 -21.89 26.76 25.31
CA THR B 260 -21.27 25.99 26.37
C THR B 260 -21.02 26.96 27.51
N ARG B 261 -20.93 26.44 28.73
CA ARG B 261 -20.52 27.30 29.83
C ARG B 261 -19.15 27.91 29.57
N LEU B 262 -18.23 27.10 29.01
CA LEU B 262 -16.90 27.61 28.69
C LEU B 262 -16.99 28.74 27.68
N GLY B 263 -17.64 28.50 26.54
CA GLY B 263 -17.83 29.57 25.59
C GLY B 263 -18.49 30.80 26.22
N ASN B 264 -19.57 30.57 27.00
CA ASN B 264 -20.35 31.69 27.54
C ASN B 264 -19.53 32.52 28.52
N HIS B 265 -18.77 31.87 29.42
CA HIS B 265 -17.87 32.62 30.32
C HIS B 265 -16.95 33.56 29.54
N LEU B 266 -16.36 33.06 28.45
CA LEU B 266 -15.42 33.87 27.67
C LEU B 266 -16.15 35.00 26.92
N GLU B 267 -17.28 34.70 26.26
CA GLU B 267 -18.01 35.77 25.58
C GLU B 267 -18.63 36.75 26.58
N ASP B 268 -19.13 36.27 27.73
CA ASP B 268 -19.61 37.19 28.75
C ASP B 268 -18.53 38.17 29.15
N ARG B 269 -17.29 37.70 29.21
CA ARG B 269 -16.22 38.54 29.69
C ARG B 269 -15.77 39.54 28.62
N VAL B 270 -15.80 39.14 27.35
CA VAL B 270 -15.44 40.08 26.30
C VAL B 270 -16.52 41.14 26.12
N ASN B 271 -17.79 40.74 26.10
CA ASN B 271 -18.88 41.69 25.85
C ASN B 271 -19.04 42.67 27.01
N LYS B 272 -18.90 42.18 28.26
CA LYS B 272 -18.90 43.04 29.43
C LYS B 272 -17.80 44.11 29.33
N PHE B 273 -16.63 43.75 28.78
CA PHE B 273 -15.56 44.73 28.59
C PHE B 273 -15.88 45.69 27.45
N LEU B 274 -16.44 45.18 26.34
CA LEU B 274 -16.76 46.06 25.22
C LEU B 274 -17.89 47.03 25.57
N ARG B 275 -18.80 46.63 26.45
CA ARG B 275 -19.86 47.52 26.88
C ARG B 275 -19.27 48.68 27.68
N ARG B 276 -18.33 48.40 28.59
CA ARG B 276 -17.68 49.45 29.37
C ARG B 276 -16.92 50.41 28.47
N GLN B 277 -16.35 49.92 27.38
CA GLN B 277 -15.62 50.82 26.48
C GLN B 277 -16.57 51.64 25.63
N ASN B 278 -17.72 51.07 25.27
CA ASN B 278 -18.74 51.74 24.48
C ASN B 278 -18.11 52.40 23.26
N HIS B 279 -17.31 51.63 22.55
CA HIS B 279 -16.73 52.14 21.34
C HIS B 279 -17.73 51.97 20.20
N PRO B 280 -17.90 52.99 19.35
CA PRO B 280 -18.98 52.90 18.36
C PRO B 280 -18.70 51.91 17.24
N GLU B 281 -17.44 51.68 16.90
CA GLU B 281 -17.11 50.75 15.82
C GLU B 281 -17.27 49.30 16.25
N ALA B 282 -17.37 49.02 17.54
CA ALA B 282 -17.37 47.64 18.02
C ALA B 282 -18.70 46.97 17.75
N GLY B 283 -18.63 45.65 17.57
CA GLY B 283 -19.81 44.82 17.43
C GLY B 283 -19.85 43.79 18.52
N GLU B 284 -20.89 42.97 18.48
CA GLU B 284 -21.02 41.88 19.43
C GLU B 284 -19.96 40.79 19.17
N VAL B 285 -19.49 40.15 20.25
CA VAL B 285 -18.55 39.02 20.13
C VAL B 285 -19.23 37.73 20.58
N PHE B 286 -19.17 36.70 19.74
CA PHE B 286 -19.63 35.35 20.08
C PHE B 286 -18.41 34.43 20.27
N VAL B 287 -18.27 33.81 21.45
CA VAL B 287 -17.23 32.82 21.68
C VAL B 287 -17.92 31.46 21.80
N ARG B 288 -17.50 30.51 20.98
CA ARG B 288 -18.11 29.18 20.92
C ARG B 288 -17.03 28.10 21.00
N VAL B 289 -17.24 27.15 21.90
CA VAL B 289 -16.52 25.89 21.85
C VAL B 289 -17.16 25.04 20.76
N VAL B 290 -16.36 24.69 19.74
CA VAL B 290 -16.86 23.97 18.58
C VAL B 290 -16.35 22.54 18.48
N ALA B 291 -15.50 22.08 19.41
CA ALA B 291 -15.10 20.68 19.40
C ALA B 291 -14.52 20.32 20.75
N SER B 292 -14.86 19.12 21.23
CA SER B 292 -14.16 18.65 22.40
C SER B 292 -14.26 17.14 22.40
N SER B 293 -13.18 16.49 22.84
CA SER B 293 -13.13 15.04 22.88
C SER B 293 -12.03 14.62 23.84
N ASP B 294 -12.03 13.34 24.18
CA ASP B 294 -11.10 12.76 25.13
C ASP B 294 -10.02 11.97 24.38
N LYS B 295 -8.75 12.27 24.67
CA LYS B 295 -7.63 11.72 23.92
C LYS B 295 -6.57 11.22 24.89
N THR B 296 -5.51 10.61 24.37
CA THR B 296 -4.34 10.29 25.17
C THR B 296 -3.08 10.64 24.39
N VAL B 297 -2.07 11.07 25.12
CA VAL B 297 -0.76 11.31 24.54
C VAL B 297 0.14 10.15 24.96
N GLU B 298 0.67 9.44 23.96
CA GLU B 298 1.58 8.32 24.18
C GLU B 298 3.01 8.81 24.35
N VAL B 299 3.65 8.35 25.42
CA VAL B 299 5.09 8.61 25.59
C VAL B 299 5.83 8.01 24.41
N LYS B 300 6.71 8.80 23.81
CA LYS B 300 7.43 8.39 22.59
C LYS B 300 8.50 7.32 22.90
N PRO B 301 9.02 6.60 21.87
CA PRO B 301 9.82 5.39 22.13
C PRO B 301 11.02 5.56 23.03
N GLY B 302 11.76 6.66 22.92
CA GLY B 302 12.87 6.91 23.81
C GLY B 302 12.47 7.01 25.27
N MET B 303 11.55 7.92 25.59
CA MET B 303 11.13 8.07 26.98
C MET B 303 10.41 6.83 27.46
N LYS B 304 9.78 6.10 26.54
CA LYS B 304 9.08 4.88 26.90
C LYS B 304 10.02 3.88 27.54
N SER B 305 11.11 3.54 26.84
CA SER B 305 12.08 2.60 27.40
C SER B 305 12.84 3.19 28.58
N ARG B 306 12.96 4.50 28.68
CA ARG B 306 13.68 5.03 29.83
C ARG B 306 12.83 5.13 31.09
N PHE B 307 11.48 5.20 30.98
CA PHE B 307 10.63 5.42 32.16
C PHE B 307 9.36 4.57 32.20
N VAL B 308 8.84 4.13 31.07
CA VAL B 308 7.58 3.41 31.02
C VAL B 308 7.76 1.92 31.26
N ASP B 309 8.84 1.33 30.73
CA ASP B 309 9.09 -0.09 30.96
C ASP B 309 9.21 -0.41 32.45
N SER B 310 9.88 0.47 33.20
CA SER B 310 9.98 0.31 34.65
C SER B 310 8.69 0.67 35.38
N GLY B 311 7.80 1.44 34.77
CA GLY B 311 6.65 1.92 35.48
C GLY B 311 6.86 3.21 36.25
N GLU B 312 7.89 3.98 35.96
CA GLU B 312 8.02 5.29 36.59
C GLU B 312 7.13 6.36 35.96
N MET B 313 6.81 6.22 34.67
CA MET B 313 5.83 7.01 33.95
C MET B 313 4.75 6.12 33.35
N SER B 314 3.57 6.69 33.25
CA SER B 314 2.46 6.05 32.58
C SER B 314 2.73 5.94 31.08
N GLU B 315 2.21 4.88 30.47
CA GLU B 315 2.41 4.67 29.04
C GLU B 315 1.76 5.76 28.20
N SER B 316 0.65 6.35 28.68
CA SER B 316 -0.07 7.45 28.02
C SER B 316 -0.77 8.31 29.06
N PHE B 317 -1.11 9.55 28.67
CA PHE B 317 -1.80 10.47 29.58
C PHE B 317 -3.15 10.92 29.03
N PRO B 318 -4.24 10.74 29.77
CA PRO B 318 -5.53 11.18 29.26
C PRO B 318 -5.61 12.68 29.32
N TYR B 319 -6.27 13.27 28.30
CA TYR B 319 -6.67 14.67 28.34
C TYR B 319 -7.91 14.87 27.47
N ARG B 320 -8.56 16.01 27.71
CA ARG B 320 -9.68 16.49 26.89
C ARG B 320 -9.17 17.66 26.05
N THR B 321 -9.43 17.61 24.77
CA THR B 321 -9.04 18.72 23.91
C THR B 321 -10.29 19.50 23.49
N LYS B 322 -10.13 20.82 23.36
CA LYS B 322 -11.22 21.71 23.01
C LYS B 322 -10.74 22.71 21.98
N ALA B 323 -11.60 23.04 21.03
CA ALA B 323 -11.33 24.09 20.04
C ALA B 323 -12.35 25.21 20.23
N LEU B 324 -11.85 26.43 20.32
CA LEU B 324 -12.80 27.50 20.46
C LEU B 324 -12.40 28.67 19.59
N PHE B 325 -13.42 29.35 19.08
CA PHE B 325 -13.29 30.49 18.18
C PHE B 325 -14.14 31.66 18.70
N ALA B 326 -13.68 32.88 18.41
CA ALA B 326 -14.42 34.09 18.70
C ALA B 326 -14.80 34.74 17.37
N PHE B 327 -16.04 35.25 17.29
CA PHE B 327 -16.51 35.93 16.09
C PHE B 327 -17.03 37.29 16.50
N GLU B 328 -16.79 38.28 15.65
CA GLU B 328 -17.30 39.63 15.85
C GLU B 328 -18.25 40.00 14.71
N GLU B 329 -19.33 40.70 15.08
CA GLU B 329 -20.19 41.36 14.11
C GLU B 329 -19.43 42.54 13.53
N ILE B 330 -19.16 42.50 12.22
CA ILE B 330 -18.46 43.57 11.49
C ILE B 330 -19.24 43.81 10.20
N ASP B 331 -19.68 45.06 9.99
CA ASP B 331 -20.54 45.40 8.85
C ASP B 331 -21.71 44.43 8.75
N GLY B 332 -22.27 44.08 9.89
CA GLY B 332 -23.46 43.25 9.93
C GLY B 332 -23.29 41.80 9.56
N VAL B 333 -22.06 41.29 9.40
CA VAL B 333 -21.85 39.86 9.19
C VAL B 333 -20.80 39.32 10.16
N ASP B 334 -20.80 37.98 10.30
CA ASP B 334 -19.88 37.29 11.20
C ASP B 334 -18.45 37.29 10.63
N VAL B 335 -17.47 37.63 11.46
CA VAL B 335 -16.06 37.50 11.09
C VAL B 335 -15.30 36.78 12.20
N CYS B 336 -14.64 35.69 11.85
CA CYS B 336 -13.77 34.99 12.80
C CYS B 336 -12.42 35.70 12.92
N PHE B 337 -12.05 36.08 14.15
CA PHE B 337 -10.79 36.77 14.40
C PHE B 337 -9.86 36.10 15.43
N PHE B 338 -10.25 34.97 16.03
CA PHE B 338 -9.48 34.36 17.10
C PHE B 338 -9.83 32.88 17.21
N GLY B 339 -8.80 32.04 17.43
CA GLY B 339 -8.99 30.60 17.50
C GLY B 339 -7.95 29.99 18.42
N MET B 340 -8.32 28.88 19.06
CA MET B 340 -7.43 28.36 20.08
C MET B 340 -7.79 26.91 20.38
N HIS B 341 -6.76 26.03 20.38
CA HIS B 341 -6.90 24.65 20.83
C HIS B 341 -6.21 24.53 22.17
N VAL B 342 -6.80 23.73 23.08
CA VAL B 342 -6.26 23.54 24.42
C VAL B 342 -6.27 22.06 24.77
N GLN B 343 -5.48 21.70 25.75
CA GLN B 343 -5.41 20.35 26.27
C GLN B 343 -5.57 20.42 27.78
N GLU B 344 -6.43 19.57 28.32
CA GLU B 344 -6.82 19.65 29.73
C GLU B 344 -6.65 18.28 30.36
N TYR B 345 -5.69 18.20 31.29
CA TYR B 345 -5.34 16.95 31.96
C TYR B 345 -5.99 17.01 33.34
N GLY B 346 -7.00 16.15 33.56
CA GLY B 346 -7.90 16.26 34.67
C GLY B 346 -7.26 15.83 35.97
N SER B 347 -8.10 15.52 36.97
CA SER B 347 -7.63 15.17 38.31
C SER B 347 -7.33 13.68 38.49
N ASP B 348 -7.78 12.83 37.56
CA ASP B 348 -7.34 11.44 37.52
C ASP B 348 -6.11 11.25 36.64
N CYS B 349 -5.56 12.31 36.09
CA CYS B 349 -4.39 12.09 35.26
C CYS B 349 -3.15 11.88 36.14
N PRO B 350 -2.34 10.87 35.84
CA PRO B 350 -1.13 10.60 36.64
C PRO B 350 -0.12 11.72 36.51
N PRO B 351 0.79 11.86 37.49
CA PRO B 351 1.96 12.73 37.35
C PRO B 351 2.72 12.39 36.08
N PRO B 352 3.39 13.38 35.47
CA PRO B 352 3.49 14.79 35.91
C PRO B 352 2.40 15.74 35.37
N ASN B 353 1.28 15.26 34.82
CA ASN B 353 0.32 16.10 34.11
C ASN B 353 -0.95 16.43 34.91
N THR B 354 -1.06 16.00 36.17
CA THR B 354 -2.29 16.17 36.93
C THR B 354 -2.73 17.65 37.01
N ARG B 355 -4.00 17.89 36.65
CA ARG B 355 -4.65 19.22 36.79
C ARG B 355 -3.88 20.31 36.05
N ARG B 356 -3.56 20.04 34.79
CA ARG B 356 -2.79 20.99 34.02
C ARG B 356 -3.57 21.29 32.75
N VAL B 357 -3.53 22.55 32.34
CA VAL B 357 -4.04 22.94 31.03
C VAL B 357 -2.87 23.50 30.23
N TYR B 358 -2.89 23.23 28.93
CA TYR B 358 -1.86 23.63 27.98
C TYR B 358 -2.50 24.23 26.73
N ILE B 359 -2.04 25.40 26.30
CA ILE B 359 -2.54 26.05 25.11
C ILE B 359 -1.72 25.59 23.91
N SER B 360 -2.22 24.58 23.17
CA SER B 360 -1.49 24.07 22.02
C SER B 360 -1.28 25.14 20.96
N TYR B 361 -2.34 25.71 20.46
CA TYR B 361 -2.22 26.64 19.32
C TYR B 361 -3.16 27.83 19.52
N LEU B 362 -2.65 28.99 19.16
CA LEU B 362 -3.37 30.23 19.29
C LEU B 362 -3.12 31.04 18.03
N ASP B 363 -4.21 31.46 17.38
CA ASP B 363 -4.12 32.19 16.13
C ASP B 363 -5.16 33.32 16.11
N SER B 364 -4.91 34.28 15.23
CA SER B 364 -5.75 35.45 15.22
C SER B 364 -5.57 36.12 13.87
N ILE B 365 -6.61 36.84 13.43
CA ILE B 365 -6.66 37.56 12.17
C ILE B 365 -7.07 38.98 12.54
N HIS B 366 -6.31 39.99 12.08
CA HIS B 366 -6.26 41.26 12.82
C HIS B 366 -7.42 42.23 12.49
N PHE B 367 -8.54 41.75 11.95
CA PHE B 367 -9.62 42.63 11.52
C PHE B 367 -10.63 42.96 12.64
N PHE B 368 -10.32 42.69 13.90
CA PHE B 368 -11.24 43.10 14.96
C PHE B 368 -11.43 44.61 14.92
N ARG B 369 -12.67 45.05 15.15
CA ARG B 369 -13.00 46.48 15.20
C ARG B 369 -13.43 46.91 16.60
N PRO B 370 -12.81 47.97 17.13
CA PRO B 370 -11.70 48.74 16.57
C PRO B 370 -10.31 48.19 16.94
N ARG B 371 -9.28 48.48 16.12
CA ARG B 371 -7.91 48.06 16.42
C ARG B 371 -7.50 48.41 17.86
N CYS B 372 -7.88 49.61 18.35
CA CYS B 372 -7.38 50.02 19.67
C CYS B 372 -7.90 49.15 20.80
N LEU B 373 -8.80 48.21 20.52
CA LEU B 373 -9.31 47.27 21.53
C LEU B 373 -8.90 45.83 21.26
N ARG B 374 -8.15 45.60 20.19
CA ARG B 374 -7.91 44.23 19.72
C ARG B 374 -7.19 43.41 20.77
N THR B 375 -6.04 43.92 21.25
CA THR B 375 -5.26 43.17 22.22
C THR B 375 -6.02 42.99 23.51
N ALA B 376 -6.71 44.04 23.96
CA ALA B 376 -7.45 43.92 25.21
C ALA B 376 -8.47 42.80 25.12
N VAL B 377 -9.04 42.59 23.93
CA VAL B 377 -10.05 41.55 23.78
C VAL B 377 -9.41 40.17 23.80
N TYR B 378 -8.26 40.00 23.14
CA TYR B 378 -7.53 38.72 23.23
C TYR B 378 -7.16 38.40 24.68
N HIS B 379 -6.68 39.40 25.42
CA HIS B 379 -6.37 39.15 26.83
C HIS B 379 -7.61 38.71 27.58
N GLU B 380 -8.75 39.35 27.35
CA GLU B 380 -9.95 38.97 28.07
C GLU B 380 -10.32 37.52 27.82
N ILE B 381 -10.18 37.06 26.58
CA ILE B 381 -10.44 35.64 26.28
C ILE B 381 -9.46 34.74 27.03
N LEU B 382 -8.15 35.06 26.95
CA LEU B 382 -7.13 34.28 27.64
C LEU B 382 -7.28 34.37 29.15
N ILE B 383 -7.38 35.59 29.68
CA ILE B 383 -7.64 35.74 31.11
C ILE B 383 -8.90 34.98 31.50
N GLY B 384 -9.91 34.99 30.63
CA GLY B 384 -11.14 34.28 30.92
C GLY B 384 -10.96 32.77 30.91
N TYR B 385 -10.12 32.27 30.00
CA TYR B 385 -9.85 30.83 29.98
C TYR B 385 -9.16 30.38 31.29
N LEU B 386 -8.19 31.16 31.78
CA LEU B 386 -7.50 30.78 33.01
C LEU B 386 -8.45 30.84 34.21
N GLU B 387 -9.24 31.90 34.31
CA GLU B 387 -10.20 31.99 35.39
C GLU B 387 -11.15 30.80 35.36
N TYR B 388 -11.60 30.41 34.18
CA TYR B 388 -12.63 29.37 34.09
C TYR B 388 -12.11 28.04 34.57
N VAL B 389 -10.94 27.60 34.07
CA VAL B 389 -10.41 26.30 34.51
C VAL B 389 -9.86 26.37 35.93
N LYS B 390 -9.40 27.54 36.39
CA LYS B 390 -9.11 27.68 37.82
C LYS B 390 -10.33 27.38 38.69
N LYS B 391 -11.50 27.90 38.31
CA LYS B 391 -12.65 27.66 39.18
C LYS B 391 -13.00 26.19 39.22
N LEU B 392 -12.82 25.49 38.11
CA LEU B 392 -13.20 24.07 38.07
C LEU B 392 -12.24 23.17 38.81
N GLY B 393 -11.03 23.67 39.12
CA GLY B 393 -10.06 22.94 39.91
C GLY B 393 -8.70 22.70 39.25
N TYR B 394 -8.42 23.18 38.04
CA TYR B 394 -7.07 23.01 37.53
C TYR B 394 -6.11 23.86 38.37
N VAL B 395 -4.83 23.47 38.35
CA VAL B 395 -3.81 24.06 39.22
C VAL B 395 -2.76 24.84 38.41
N THR B 396 -2.38 24.36 37.25
CA THR B 396 -1.29 24.97 36.50
C THR B 396 -1.67 25.17 35.05
N GLY B 397 -1.23 26.27 34.46
CA GLY B 397 -1.43 26.52 33.04
C GLY B 397 -0.10 26.66 32.34
N HIS B 398 -0.08 26.38 31.04
CA HIS B 398 1.18 26.39 30.33
C HIS B 398 1.00 27.01 28.96
N ILE B 399 1.89 27.94 28.62
CA ILE B 399 1.88 28.57 27.30
C ILE B 399 3.22 28.34 26.65
N TRP B 400 3.20 27.92 25.38
CA TRP B 400 4.41 27.85 24.56
C TRP B 400 4.27 29.03 23.60
N ALA B 401 4.88 30.15 23.94
CA ALA B 401 4.71 31.40 23.21
C ALA B 401 5.76 31.48 22.13
N CYS B 402 5.42 30.97 20.94
CA CYS B 402 6.35 30.87 19.82
C CYS B 402 5.76 31.52 18.58
N PRO B 403 6.44 32.51 17.99
CA PRO B 403 5.89 33.17 16.79
C PRO B 403 6.10 32.33 15.54
N PRO B 404 5.13 32.32 14.63
CA PRO B 404 5.14 31.35 13.53
C PRO B 404 6.26 31.58 12.54
N SER B 405 6.68 30.48 11.90
CA SER B 405 7.67 30.54 10.82
C SER B 405 6.94 30.90 9.54
N GLU B 406 7.12 32.15 9.10
CA GLU B 406 6.53 32.76 7.90
C GLU B 406 5.94 31.75 6.92
N GLY B 407 4.62 31.74 6.78
CA GLY B 407 3.92 30.78 5.97
C GLY B 407 3.37 29.59 6.74
N ASP B 408 3.83 29.37 7.97
CA ASP B 408 3.17 28.45 8.87
C ASP B 408 1.96 29.18 9.44
N ASP B 409 0.78 28.78 9.01
CA ASP B 409 -0.46 29.23 9.61
C ASP B 409 -0.80 28.28 10.76
N TYR B 410 -0.96 28.83 11.96
CA TYR B 410 -1.34 27.95 13.06
C TYR B 410 -2.74 27.36 12.85
N ILE B 411 -3.75 28.21 12.70
CA ILE B 411 -5.13 27.76 12.63
C ILE B 411 -5.81 28.21 11.34
N PHE B 412 -5.64 29.49 10.96
CA PHE B 412 -6.32 30.07 9.81
C PHE B 412 -5.42 30.06 8.60
N HIS B 413 -5.95 29.62 7.48
CA HIS B 413 -5.25 29.60 6.21
C HIS B 413 -5.04 31.01 5.65
N CYS B 414 -3.80 31.36 5.38
CA CYS B 414 -3.43 32.52 4.58
C CYS B 414 -3.73 33.87 5.25
N HIS B 415 -2.81 34.34 6.09
CA HIS B 415 -2.99 35.56 6.88
C HIS B 415 -2.88 36.80 6.00
N PRO B 416 -3.34 37.97 6.49
CA PRO B 416 -3.16 39.21 5.71
C PRO B 416 -1.68 39.47 5.50
N PRO B 417 -1.25 39.80 4.28
CA PRO B 417 0.19 40.05 4.07
C PRO B 417 0.77 41.12 4.97
N ASP B 418 -0.02 42.09 5.42
CA ASP B 418 0.53 43.14 6.25
C ASP B 418 0.17 42.97 7.73
N GLN B 419 -0.19 41.75 8.14
CA GLN B 419 -0.34 41.43 9.57
C GLN B 419 1.03 41.13 10.17
N LYS B 420 1.39 41.85 11.22
CA LYS B 420 2.74 41.79 11.75
C LYS B 420 3.02 40.43 12.39
N ILE B 421 4.13 39.81 12.00
CA ILE B 421 4.70 38.69 12.75
C ILE B 421 5.60 39.29 13.82
N PRO B 422 5.27 39.14 15.11
CA PRO B 422 6.03 39.86 16.15
C PRO B 422 7.41 39.26 16.39
N LYS B 423 8.34 40.15 16.75
CA LYS B 423 9.60 39.72 17.31
C LYS B 423 9.31 38.88 18.57
N PRO B 424 10.10 37.83 18.83
CA PRO B 424 9.81 36.99 20.01
C PRO B 424 9.80 37.74 21.31
N LYS B 425 10.66 38.76 21.47
CA LYS B 425 10.60 39.59 22.68
C LYS B 425 9.26 40.31 22.78
N ARG B 426 8.73 40.81 21.65
CA ARG B 426 7.41 41.44 21.65
C ARG B 426 6.32 40.42 22.03
N LEU B 427 6.36 39.23 21.41
CA LEU B 427 5.36 38.20 21.70
C LEU B 427 5.38 37.81 23.18
N GLN B 428 6.58 37.76 23.80
CA GLN B 428 6.63 37.38 25.21
C GLN B 428 6.15 38.51 26.10
N GLU B 429 6.56 39.75 25.81
CA GLU B 429 5.96 40.90 26.48
C GLU B 429 4.45 40.89 26.32
N TRP B 430 3.95 40.50 25.14
CA TRP B 430 2.51 40.42 24.91
C TRP B 430 1.87 39.48 25.92
N TYR B 431 2.38 38.24 26.01
CA TYR B 431 1.91 37.31 27.05
C TYR B 431 2.18 37.85 28.44
N LYS B 432 3.34 38.48 28.66
CA LYS B 432 3.61 39.04 30.00
C LYS B 432 2.53 40.05 30.39
N LYS B 433 2.17 40.93 29.46
CA LYS B 433 1.14 41.92 29.78
C LYS B 433 -0.18 41.24 30.11
N MET B 434 -0.52 40.16 29.38
CA MET B 434 -1.76 39.43 29.67
C MET B 434 -1.71 38.81 31.07
N LEU B 435 -0.63 38.11 31.39
CA LEU B 435 -0.54 37.49 32.70
C LEU B 435 -0.49 38.52 33.82
N ASP B 436 0.28 39.60 33.62
CA ASP B 436 0.31 40.65 34.63
C ASP B 436 -1.08 41.22 34.86
N LYS B 437 -1.81 41.44 33.77
CA LYS B 437 -3.20 41.88 33.87
C LYS B 437 -4.02 40.88 34.66
N ALA B 438 -3.76 39.59 34.44
CA ALA B 438 -4.49 38.56 35.19
C ALA B 438 -4.05 38.53 36.63
N PHE B 439 -2.75 38.64 36.88
CA PHE B 439 -2.26 38.71 38.26
C PHE B 439 -2.94 39.85 39.00
N ALA B 440 -3.02 41.02 38.35
CA ALA B 440 -3.64 42.19 38.96
C ALA B 440 -5.05 41.91 39.45
N GLU B 441 -5.84 41.15 38.69
CA GLU B 441 -7.21 40.87 39.11
C GLU B 441 -7.33 39.73 40.11
N ARG B 442 -6.21 39.24 40.65
CA ARG B 442 -6.20 38.12 41.61
C ARG B 442 -6.83 36.88 41.02
N ILE B 443 -6.66 36.70 39.71
CA ILE B 443 -7.03 35.47 39.02
C ILE B 443 -5.86 34.51 38.94
N ILE B 444 -4.69 35.04 38.64
CA ILE B 444 -3.44 34.30 38.65
C ILE B 444 -2.78 34.48 39.99
N ASN B 445 -2.24 33.40 40.50
CA ASN B 445 -1.45 33.44 41.72
C ASN B 445 -0.02 33.89 41.46
N ASP B 446 0.57 33.49 40.33
CA ASP B 446 1.95 33.80 39.98
C ASP B 446 2.23 33.21 38.59
N TYR B 447 3.39 33.57 38.02
CA TYR B 447 3.87 32.95 36.80
C TYR B 447 5.40 33.06 36.71
N LYS B 448 6.07 32.02 36.18
CA LYS B 448 7.52 32.02 35.96
C LYS B 448 7.85 31.35 34.63
N ASP B 449 9.10 31.50 34.17
CA ASP B 449 9.49 30.72 33.01
C ASP B 449 9.89 29.30 33.43
N ILE B 450 10.01 28.41 32.44
CA ILE B 450 10.15 26.99 32.75
C ILE B 450 11.47 26.73 33.50
N PHE B 451 12.52 27.47 33.15
CA PHE B 451 13.82 27.27 33.78
C PHE B 451 13.79 27.73 35.23
N LYS B 452 13.35 28.97 35.47
CA LYS B 452 13.21 29.44 36.84
C LYS B 452 12.31 28.51 37.64
N GLN B 453 11.26 27.95 37.01
CA GLN B 453 10.31 27.13 37.75
C GLN B 453 10.87 25.75 38.08
N ALA B 454 11.55 25.12 37.13
CA ALA B 454 12.12 23.80 37.39
C ALA B 454 13.14 23.85 38.53
N ASN B 455 13.99 24.88 38.56
CA ASN B 455 14.93 25.05 39.66
C ASN B 455 14.21 25.25 40.97
N GLU B 456 13.15 26.03 40.96
CA GLU B 456 12.43 26.31 42.20
C GLU B 456 11.71 25.08 42.72
N ASP B 457 11.38 24.12 41.86
CA ASP B 457 10.81 22.84 42.23
C ASP B 457 11.88 21.76 42.44
N ARG B 458 13.14 22.10 42.21
CA ARG B 458 14.28 21.20 42.40
C ARG B 458 14.05 19.89 41.65
N LEU B 459 13.65 20.02 40.39
CA LEU B 459 13.44 18.85 39.55
C LEU B 459 14.79 18.27 39.18
N THR B 460 14.87 16.94 39.14
CA THR B 460 16.09 16.28 38.70
C THR B 460 15.86 15.22 37.64
N SER B 461 14.62 14.81 37.40
CA SER B 461 14.35 13.79 36.40
C SER B 461 13.51 14.35 35.27
N ALA B 462 13.73 13.80 34.07
CA ALA B 462 12.93 14.18 32.91
C ALA B 462 11.47 13.77 33.08
N LYS B 463 11.19 12.74 33.88
CA LYS B 463 9.80 12.31 34.09
C LYS B 463 9.00 13.35 34.85
N GLU B 464 9.64 14.36 35.40
CA GLU B 464 8.95 15.43 36.09
C GLU B 464 8.54 16.57 35.19
N LEU B 465 8.94 16.57 33.94
CA LEU B 465 8.49 17.63 33.03
C LEU B 465 7.12 17.30 32.46
N PRO B 466 6.13 18.20 32.57
CA PRO B 466 4.85 17.94 31.90
C PRO B 466 5.06 17.49 30.46
N TYR B 467 4.22 16.56 30.04
CA TYR B 467 4.40 15.85 28.78
C TYR B 467 3.10 15.99 27.96
N PHE B 468 3.05 16.95 27.06
CA PHE B 468 1.86 17.35 26.33
C PHE B 468 1.95 16.95 24.84
N GLU B 469 0.80 16.63 24.25
CA GLU B 469 0.76 16.24 22.85
C GLU B 469 1.31 17.34 21.97
N GLY B 470 2.18 16.97 21.04
CA GLY B 470 2.74 17.89 20.07
C GLY B 470 3.64 18.96 20.63
N ASP B 471 3.97 18.92 21.92
CA ASP B 471 4.76 19.96 22.55
C ASP B 471 6.26 19.82 22.23
N PHE B 472 6.98 20.92 22.47
CA PHE B 472 8.42 20.99 22.22
C PHE B 472 9.18 19.91 22.99
N TRP B 473 8.94 19.80 24.31
CA TRP B 473 9.80 19.03 25.23
C TRP B 473 9.75 17.53 25.00
N PRO B 474 8.59 16.92 24.74
CA PRO B 474 8.63 15.50 24.42
C PRO B 474 9.56 15.18 23.27
N ASN B 475 9.75 16.11 22.31
CA ASN B 475 10.70 15.90 21.23
C ASN B 475 12.13 16.24 21.61
N VAL B 476 12.34 17.22 22.50
CA VAL B 476 13.67 17.48 23.02
C VAL B 476 14.21 16.24 23.71
N LEU B 477 13.38 15.60 24.54
CA LEU B 477 13.81 14.41 25.26
C LEU B 477 14.16 13.26 24.32
N GLU B 478 13.42 13.11 23.21
CA GLU B 478 13.75 12.04 22.27
C GLU B 478 15.12 12.24 21.64
N GLU B 479 15.50 13.51 21.37
CA GLU B 479 16.80 13.84 20.85
C GLU B 479 17.89 13.60 21.91
N SER B 480 17.64 14.05 23.15
CA SER B 480 18.59 13.80 24.23
C SER B 480 18.90 12.31 24.33
N ILE B 481 17.86 11.47 24.27
CA ILE B 481 18.04 10.04 24.43
C ILE B 481 18.79 9.44 23.24
N LYS B 482 18.49 9.90 22.02
CA LYS B 482 19.12 9.33 20.84
C LYS B 482 20.57 9.76 20.71
N GLU B 483 20.92 10.94 21.20
CA GLU B 483 22.27 11.49 21.12
C GLU B 483 23.02 11.37 22.45
N SER B 484 22.56 10.50 23.37
CA SER B 484 23.18 10.42 24.70
C SER B 484 24.46 9.59 24.71
N GLY B 485 24.59 8.64 23.80
CA GLY B 485 25.77 7.79 23.79
C GLY B 485 25.38 6.36 23.56
N LYS B 491 22.66 18.22 30.30
CA LYS B 491 22.44 19.39 29.44
C LYS B 491 20.94 19.70 29.23
N LEU B 492 20.01 18.94 29.83
CA LEU B 492 18.59 19.31 29.69
C LEU B 492 18.32 20.64 30.39
N TYR B 493 18.92 20.87 31.56
CA TYR B 493 18.77 22.17 32.21
C TYR B 493 19.34 23.29 31.36
N ALA B 494 20.31 22.98 30.49
CA ALA B 494 20.84 24.03 29.64
C ALA B 494 19.84 24.39 28.55
N THR B 495 19.22 23.39 27.92
CA THR B 495 18.19 23.64 26.93
C THR B 495 16.98 24.35 27.53
N MET B 496 16.66 24.07 28.79
CA MET B 496 15.55 24.79 29.40
C MET B 496 15.88 26.26 29.56
N GLU B 497 17.10 26.60 30.03
CA GLU B 497 17.45 28.02 30.11
C GLU B 497 17.57 28.66 28.74
N LYS B 498 18.02 27.91 27.74
CA LYS B 498 18.15 28.50 26.40
C LYS B 498 16.82 28.97 25.86
N HIS B 499 15.75 28.19 26.07
CA HIS B 499 14.41 28.58 25.67
C HIS B 499 13.58 29.05 26.86
N LYS B 500 14.26 29.51 27.91
CA LYS B 500 13.62 30.08 29.10
C LYS B 500 12.41 30.95 28.77
N GLU B 501 12.60 31.92 27.87
CA GLU B 501 11.62 32.99 27.69
C GLU B 501 10.32 32.52 27.03
N VAL B 502 10.37 31.39 26.33
CA VAL B 502 9.27 30.93 25.48
C VAL B 502 8.20 30.13 26.22
N PHE B 503 8.52 29.59 27.40
CA PHE B 503 7.65 28.65 28.10
C PHE B 503 7.19 29.27 29.40
N PHE B 504 5.88 29.45 29.53
CA PHE B 504 5.29 30.11 30.69
C PHE B 504 4.62 29.05 31.53
N VAL B 505 4.81 29.17 32.84
CA VAL B 505 4.22 28.31 33.86
C VAL B 505 3.38 29.19 34.76
N ILE B 506 2.07 28.92 34.78
CA ILE B 506 1.09 29.83 35.36
C ILE B 506 0.46 29.12 36.55
N HIS B 507 0.57 29.73 37.72
CA HIS B 507 0.03 29.14 38.95
C HIS B 507 -1.34 29.76 39.22
N LEU B 508 -2.38 28.92 39.22
CA LEU B 508 -3.76 29.33 39.43
C LEU B 508 -4.16 29.33 40.90
N HIS B 509 -3.67 28.39 41.67
CA HIS B 509 -4.00 28.29 43.09
C HIS B 509 -2.82 28.46 44.06
N GLN B 517 -8.43 18.81 47.28
CA GLN B 517 -9.47 19.28 46.37
C GLN B 517 -10.27 18.10 45.79
N PRO B 518 -11.53 18.36 45.48
CA PRO B 518 -12.41 17.31 44.92
C PRO B 518 -12.19 17.13 43.43
N PRO B 519 -12.74 16.07 42.85
CA PRO B 519 -12.51 15.82 41.42
C PRO B 519 -12.90 17.00 40.54
N ILE B 520 -12.22 17.09 39.40
CA ILE B 520 -12.59 18.01 38.35
C ILE B 520 -13.68 17.37 37.54
N VAL B 521 -14.78 18.11 37.38
CA VAL B 521 -15.94 17.65 36.62
C VAL B 521 -16.23 18.72 35.58
N ASP B 522 -16.09 18.35 34.31
CA ASP B 522 -16.43 19.26 33.21
C ASP B 522 -17.94 19.35 33.07
N PRO B 523 -18.54 20.52 33.26
CA PRO B 523 -20.01 20.63 33.10
C PRO B 523 -20.46 20.60 31.64
N ASP B 524 -19.62 20.94 30.70
CA ASP B 524 -20.04 20.91 29.31
C ASP B 524 -19.99 19.48 28.79
N PRO B 525 -20.91 19.11 27.91
CA PRO B 525 -20.79 17.82 27.23
C PRO B 525 -19.80 17.93 26.07
N LEU B 526 -19.39 16.78 25.57
CA LEU B 526 -18.50 16.73 24.43
C LEU B 526 -19.21 17.13 23.13
N LEU B 527 -18.53 17.93 22.33
CA LEU B 527 -18.94 18.21 20.96
C LEU B 527 -18.05 17.43 19.99
N SER B 528 -18.62 16.44 19.29
CA SER B 528 -17.94 15.74 18.18
C SER B 528 -17.99 16.59 16.92
N CYS B 529 -16.81 17.06 16.49
CA CYS B 529 -16.69 17.81 15.23
C CYS B 529 -15.32 17.50 14.62
N ASP B 530 -15.29 16.58 13.66
CA ASP B 530 -14.01 16.17 13.06
C ASP B 530 -13.24 17.34 12.47
N LEU B 531 -13.94 18.28 11.83
CA LEU B 531 -13.27 19.42 11.21
C LEU B 531 -12.38 20.16 12.19
N MET B 532 -12.77 20.20 13.47
CA MET B 532 -12.00 20.99 14.44
C MET B 532 -11.31 20.13 15.49
N ASP B 533 -11.26 18.82 15.29
CA ASP B 533 -10.47 17.90 16.10
C ASP B 533 -8.98 18.04 15.73
N GLY B 534 -8.34 19.05 16.33
CA GLY B 534 -7.01 19.46 15.91
C GLY B 534 -7.03 20.46 14.76
N ARG B 535 -5.88 21.06 14.53
CA ARG B 535 -5.77 22.22 13.66
C ARG B 535 -5.58 21.86 12.19
N ASP B 536 -5.25 20.60 11.88
CA ASP B 536 -4.85 20.29 10.50
C ASP B 536 -6.05 20.16 9.56
N ALA B 537 -7.16 19.58 10.01
CA ALA B 537 -8.30 19.38 9.11
C ALA B 537 -8.89 20.70 8.60
N PHE B 538 -8.92 21.73 9.45
CA PHE B 538 -9.46 23.02 9.01
C PHE B 538 -8.50 23.75 8.10
N LEU B 539 -7.19 23.70 8.39
CA LEU B 539 -6.19 24.25 7.49
C LEU B 539 -6.28 23.59 6.12
N THR B 540 -6.37 22.26 6.10
CA THR B 540 -6.45 21.56 4.84
C THR B 540 -7.70 21.97 4.08
N LEU B 541 -8.85 21.96 4.74
CA LEU B 541 -10.11 22.26 4.04
C LEU B 541 -10.11 23.69 3.49
N ALA B 542 -9.61 24.65 4.27
CA ALA B 542 -9.50 26.01 3.81
C ALA B 542 -8.44 26.17 2.71
N ARG B 543 -7.35 25.41 2.74
CA ARG B 543 -6.44 25.46 1.60
C ARG B 543 -7.13 25.00 0.34
N ASP B 544 -7.96 23.97 0.44
CA ASP B 544 -8.63 23.43 -0.74
C ASP B 544 -9.75 24.33 -1.25
N LYS B 545 -10.48 24.99 -0.36
CA LYS B 545 -11.59 25.82 -0.80
C LYS B 545 -11.21 27.29 -0.96
N HIS B 546 -9.95 27.65 -0.72
CA HIS B 546 -9.50 29.05 -0.83
C HIS B 546 -10.28 29.94 0.13
N TRP B 547 -10.51 29.41 1.32
CA TRP B 547 -11.05 30.20 2.42
C TRP B 547 -9.89 30.91 3.09
N GLU B 548 -9.52 32.04 2.53
CA GLU B 548 -8.45 32.86 3.09
C GLU B 548 -8.96 33.79 4.17
N PHE B 549 -8.05 34.19 5.05
CA PHE B 549 -8.28 35.28 5.99
C PHE B 549 -7.31 36.42 5.68
N SER B 550 -7.05 36.66 4.39
CA SER B 550 -6.03 37.62 3.96
C SER B 550 -6.54 39.04 3.86
N SER B 551 -7.85 39.23 3.88
CA SER B 551 -8.46 40.54 3.81
C SER B 551 -9.76 40.52 4.60
N LEU B 552 -10.29 41.71 4.85
CA LEU B 552 -11.61 41.80 5.47
C LEU B 552 -12.68 41.10 4.64
N ARG B 553 -12.69 41.35 3.33
CA ARG B 553 -13.72 40.77 2.49
C ARG B 553 -13.56 39.26 2.36
N ARG B 554 -12.33 38.76 2.22
CA ARG B 554 -12.15 37.31 2.14
C ARG B 554 -12.44 36.64 3.49
N SER B 555 -12.08 37.31 4.59
CA SER B 555 -12.39 36.78 5.91
C SER B 555 -13.89 36.71 6.16
N LYS B 556 -14.65 37.69 5.63
CA LYS B 556 -16.11 37.63 5.68
C LYS B 556 -16.63 36.40 4.96
N TRP B 557 -16.10 36.12 3.78
CA TRP B 557 -16.53 34.94 3.04
C TRP B 557 -16.09 33.65 3.75
N SER B 558 -14.83 33.60 4.19
CA SER B 558 -14.32 32.41 4.87
C SER B 558 -15.12 32.09 6.12
N THR B 559 -15.48 33.12 6.91
CA THR B 559 -16.27 32.85 8.10
C THR B 559 -17.63 32.26 7.74
N LEU B 560 -18.29 32.84 6.72
CA LEU B 560 -19.61 32.37 6.26
C LEU B 560 -19.59 30.88 5.97
N CYS B 561 -18.58 30.42 5.23
CA CYS B 561 -18.51 29.03 4.85
C CYS B 561 -18.07 28.14 6.01
N MET B 562 -17.08 28.59 6.81
CA MET B 562 -16.68 27.87 8.03
C MET B 562 -17.89 27.58 8.89
N LEU B 563 -18.73 28.60 9.09
CA LEU B 563 -19.94 28.46 9.88
C LEU B 563 -20.92 27.52 9.20
N VAL B 564 -20.93 27.48 7.87
CA VAL B 564 -21.79 26.50 7.22
C VAL B 564 -21.28 25.10 7.51
N GLU B 565 -19.98 24.92 7.50
CA GLU B 565 -19.42 23.61 7.81
C GLU B 565 -19.77 23.16 9.22
N LEU B 566 -19.66 24.07 10.20
CA LEU B 566 -19.93 23.67 11.57
C LEU B 566 -21.40 23.31 11.73
N HIS B 567 -22.28 24.08 11.12
CA HIS B 567 -23.70 23.84 11.33
C HIS B 567 -24.17 22.54 10.72
N THR B 568 -23.73 22.23 9.51
CA THR B 568 -24.36 21.16 8.75
C THR B 568 -23.50 19.92 8.63
N GLN B 569 -22.19 20.01 8.85
CA GLN B 569 -21.35 18.84 8.69
C GLN B 569 -20.82 18.36 10.03
N GLY B 570 -21.34 18.91 11.13
CA GLY B 570 -21.03 18.37 12.44
C GLY B 570 -21.55 16.96 12.54
N GLN B 571 -21.29 16.32 13.68
CA GLN B 571 -21.67 14.94 13.91
C GLN B 571 -22.76 14.79 14.97
N ASP B 572 -23.27 15.89 15.52
CA ASP B 572 -24.24 15.89 16.61
C ASP B 572 -25.67 16.16 16.13
N ARG B 573 -26.65 15.44 16.72
CA ARG B 573 -28.12 15.62 16.51
C ARG B 573 -28.77 15.93 17.86
N PHE B 574 -29.95 16.55 17.87
CA PHE B 574 -30.53 17.13 19.10
C PHE B 574 -31.80 16.42 19.59
N VAL B 575 -31.78 16.02 20.89
CA VAL B 575 -32.92 15.49 21.66
C VAL B 575 -33.52 16.64 22.48
N TYR B 576 -34.87 16.67 22.62
CA TYR B 576 -35.56 17.73 23.39
C TYR B 576 -36.23 17.10 24.61
N THR B 577 -36.01 17.70 25.78
CA THR B 577 -36.67 17.24 27.01
C THR B 577 -37.47 18.38 27.63
N CYS B 578 -38.56 18.00 28.29
CA CYS B 578 -39.29 18.95 29.12
C CYS B 578 -38.42 19.34 30.33
N ASN B 579 -38.26 20.65 30.56
CA ASN B 579 -37.42 21.16 31.65
C ASN B 579 -37.97 20.82 33.04
N GLU B 580 -39.22 20.37 33.15
CA GLU B 580 -39.87 20.11 34.42
C GLU B 580 -39.85 18.64 34.82
N CYS B 581 -40.42 17.75 33.97
CA CYS B 581 -40.42 16.32 34.26
C CYS B 581 -39.24 15.58 33.62
N LYS B 582 -38.41 16.29 32.83
CA LYS B 582 -37.20 15.80 32.17
C LYS B 582 -37.49 14.80 31.05
N HIS B 583 -38.75 14.51 30.75
CA HIS B 583 -39.11 13.52 29.74
C HIS B 583 -38.76 14.01 28.33
N HIS B 584 -38.50 13.04 27.43
CA HIS B 584 -38.23 13.34 26.03
C HIS B 584 -39.51 13.78 25.32
N VAL B 585 -39.40 14.83 24.48
CA VAL B 585 -40.58 15.36 23.78
C VAL B 585 -40.37 15.42 22.27
N GLU B 586 -41.48 15.33 21.55
CA GLU B 586 -41.49 15.66 20.14
C GLU B 586 -42.27 16.96 20.04
N THR B 587 -43.58 16.93 19.90
CA THR B 587 -44.36 18.14 20.16
C THR B 587 -44.09 18.65 21.58
N ARG B 588 -43.98 19.98 21.70
CA ARG B 588 -43.61 20.63 22.95
C ARG B 588 -43.98 22.11 22.87
N TRP B 589 -43.97 22.77 24.04
CA TRP B 589 -44.14 24.21 24.13
C TRP B 589 -42.77 24.79 24.44
N HIS B 590 -42.33 25.75 23.63
CA HIS B 590 -41.00 26.35 23.76
C HIS B 590 -41.16 27.80 24.16
N CYS B 591 -40.33 28.25 25.11
CA CYS B 591 -40.44 29.64 25.56
C CYS B 591 -39.76 30.63 24.61
N THR B 592 -40.46 31.74 24.29
CA THR B 592 -39.93 32.80 23.42
C THR B 592 -38.95 33.73 24.13
N VAL B 593 -38.80 33.63 25.46
CA VAL B 593 -38.02 34.57 26.25
C VAL B 593 -36.84 33.88 26.94
N CYS B 594 -37.08 32.76 27.63
CA CYS B 594 -36.01 32.03 28.31
C CYS B 594 -34.99 31.50 27.32
N GLU B 595 -33.77 31.27 27.82
CA GLU B 595 -32.67 30.81 26.97
C GLU B 595 -33.01 29.50 26.28
N ASP B 596 -33.47 28.50 27.03
CA ASP B 596 -33.70 27.21 26.41
C ASP B 596 -34.74 26.38 27.17
N TYR B 597 -36.01 26.79 27.13
CA TYR B 597 -37.03 26.26 28.03
C TYR B 597 -38.18 25.65 27.25
N ASP B 598 -38.47 24.36 27.53
CA ASP B 598 -39.47 23.57 26.82
C ASP B 598 -40.32 22.83 27.85
N LEU B 599 -41.59 22.63 27.53
CA LEU B 599 -42.47 21.85 28.37
C LEU B 599 -43.31 20.88 27.53
N CYS B 600 -43.41 19.63 28.01
CA CYS B 600 -44.37 18.69 27.45
C CYS B 600 -45.79 19.25 27.61
N ILE B 601 -46.74 18.62 26.91
CA ILE B 601 -48.12 19.10 26.90
C ILE B 601 -48.73 19.05 28.30
N ASN B 602 -48.50 17.93 29.02
CA ASN B 602 -49.04 17.78 30.36
C ASN B 602 -48.51 18.85 31.31
N CYS B 603 -47.19 19.04 31.31
CA CYS B 603 -46.63 20.09 32.15
C CYS B 603 -47.11 21.47 31.75
N TYR B 604 -47.19 21.74 30.45
CA TYR B 604 -47.77 23.00 30.01
C TYR B 604 -49.16 23.26 30.61
N ASN B 605 -49.99 22.22 30.72
CA ASN B 605 -51.34 22.38 31.20
C ASN B 605 -51.44 22.54 32.72
N THR B 606 -50.34 22.35 33.45
CA THR B 606 -50.38 22.36 34.90
C THR B 606 -49.24 23.13 35.56
N LYS B 607 -48.33 23.76 34.80
CA LYS B 607 -47.28 24.60 35.39
C LYS B 607 -47.24 25.86 34.55
N SER B 608 -48.04 26.84 34.94
CA SER B 608 -48.13 28.10 34.22
C SER B 608 -46.76 28.79 34.11
N HIS B 609 -46.58 29.54 33.03
CA HIS B 609 -45.32 30.19 32.73
C HIS B 609 -45.65 31.61 32.24
N THR B 610 -44.96 32.62 32.79
CA THR B 610 -45.39 34.00 32.53
C THR B 610 -44.98 34.52 31.15
N HIS B 611 -44.05 33.86 30.48
CA HIS B 611 -43.64 34.27 29.16
C HIS B 611 -44.55 33.61 28.13
N LYS B 612 -44.71 34.29 26.99
CA LYS B 612 -45.38 33.67 25.86
C LYS B 612 -44.58 32.45 25.36
N MET B 613 -45.27 31.36 25.05
CA MET B 613 -44.65 30.16 24.51
C MET B 613 -45.33 29.74 23.19
N VAL B 614 -44.52 29.17 22.26
CA VAL B 614 -45.06 28.68 20.99
C VAL B 614 -44.87 27.16 20.93
N LYS B 615 -45.74 26.50 20.16
CA LYS B 615 -45.72 25.05 20.00
C LYS B 615 -44.73 24.65 18.90
N TRP B 616 -43.75 23.80 19.24
CA TRP B 616 -42.72 23.34 18.32
C TRP B 616 -42.71 21.82 18.33
N GLY B 617 -42.04 21.25 17.33
CA GLY B 617 -42.00 19.82 17.09
C GLY B 617 -43.32 19.25 16.62
N LEU B 618 -43.31 17.96 16.25
CA LEU B 618 -44.49 17.22 15.84
C LEU B 618 -44.14 15.75 15.79
N GLY B 619 -44.48 15.01 16.84
CA GLY B 619 -44.18 13.61 16.87
C GLY B 619 -45.15 12.85 16.02
N LEU B 620 -44.76 11.63 15.71
CA LEU B 620 -45.60 10.85 14.82
C LEU B 620 -46.70 10.10 15.57
N ASP B 621 -46.73 10.18 16.89
CA ASP B 621 -47.78 9.54 17.69
C ASP B 621 -48.70 10.57 18.33
#